data_6EKS
#
_entry.id   6EKS
#
_cell.length_a   71.758
_cell.length_b   77.862
_cell.length_c   163.477
_cell.angle_alpha   90.00
_cell.angle_beta   90.00
_cell.angle_gamma   90.00
#
_symmetry.space_group_name_H-M   'P 21 21 21'
#
loop_
_entity.id
_entity.type
_entity.pdbx_description
1 polymer Sialidase
2 non-polymer 'CALCIUM ION'
3 non-polymer GLYCEROL
4 non-polymer '(3R,4R,5S)-4-(acetylamino)-5-amino-3-(pentan-3-yloxy)cyclohex-1-ene-1-carboxylic acid'
5 water water
#
_entity_poly.entity_id   1
_entity_poly.type   'polypeptide(L)'
_entity_poly.pdbx_seq_one_letter_code
;ALFDYNATGDTEFDSPAKQGWMQDNTNNGSGVLTNADGMPAWLVQGIGGRAQWTYSLSTNQHAQASSFGWRMTTEMKVLS
GGMITNYYANGTQRVLPIISLDSSGNLVVEFEGQTGRTVLATGTAATEYHKFELVFLPGSNPSASFYFDGKLIRDNIQPT
ASKQNMIVWGNGSSNTDGVAAYRDIKFEIQGDVIFRGPDRIPSIVASSVTPGVVTAFAEKRVGGGDPGALSNTNDIITRT
SRDGGITWDTELNLTEQINVSDEFDFSDPRPIYDPSSNTVLVSYARWPTDAAQNGDRIKPWMPNGIFYSVYDVASGNWQA
PIDVTDQVKERSFQIAGWGGSELYRRNTSLNSQQDWQSNAKIRIVDGAANQIQVADGSRKYVVTLSIDESGGLVANLNGV
SAPIILQSEHAKVHSFHDYELQYSALNHTTTLFVDGQQITTWAGEVSQENNIQFGNADAQIDGRLHVQKIVLTQQGHNLV
EFDAFYLAQQTPEVEKDLEKLGWTKIKTGNTMSLYGNASVNPGPGHGITLTRQQNISGSQNGRLIYPAIVLDRFFLNVMS
IYSDDGGSNWQTGSTLPIPFRWKSSSILETLEPSEADMVELQNGDLLLTARLDFNQIVNGVNYSPRQQFLSKDGGITWSL
LEANNANVFSNISTGTVDASITRFEQSDGSHFLLFTNPQGNPAGTNGRQNLGLWFSFDEGVTWKGPIQLVNGASAYSDIY
QLDSENAIVIVETDNSNMRILRMPITLLKQKLTLSQN
;
_entity_poly.pdbx_strand_id   A
#
# COMPACT_ATOMS: atom_id res chain seq x y z
N ALA A 1 13.73 -18.83 9.42
CA ALA A 1 14.01 -19.95 10.32
C ALA A 1 14.95 -19.52 11.45
N LEU A 2 14.58 -19.90 12.66
CA LEU A 2 15.36 -19.49 13.82
C LEU A 2 16.10 -20.68 14.43
N PHE A 3 17.38 -20.47 14.73
CA PHE A 3 18.20 -21.50 15.39
C PHE A 3 18.79 -20.87 16.62
N ASP A 4 18.39 -21.34 17.80
CA ASP A 4 18.76 -20.59 18.98
C ASP A 4 19.16 -21.41 20.19
N TYR A 5 19.78 -20.72 21.12
CA TYR A 5 20.03 -21.23 22.45
C TYR A 5 19.54 -20.18 23.43
N ASN A 6 18.75 -20.60 24.40
CA ASN A 6 18.33 -19.68 25.44
C ASN A 6 18.47 -20.36 26.80
N ALA A 7 19.20 -19.74 27.70
CA ALA A 7 19.29 -20.23 29.07
C ALA A 7 18.12 -19.66 29.88
N THR A 8 17.30 -20.54 30.47
CA THR A 8 16.09 -20.10 31.16
C THR A 8 16.10 -20.36 32.67
N GLY A 9 16.95 -21.28 33.12
CA GLY A 9 16.96 -21.68 34.51
C GLY A 9 16.72 -23.18 34.64
N ASP A 10 15.89 -23.71 33.75
CA ASP A 10 15.55 -25.13 33.70
C ASP A 10 16.79 -26.00 33.56
N THR A 11 17.24 -26.61 34.64
CA THR A 11 18.48 -27.38 34.64
C THR A 11 18.39 -28.58 33.69
N PHE A 13 16.98 -28.48 30.83
CA PHE A 13 17.03 -28.17 29.39
C PHE A 13 17.96 -27.00 29.05
N ASP A 14 18.56 -26.37 30.04
CA ASP A 14 19.40 -25.21 29.75
C ASP A 14 20.72 -25.61 29.10
N SER A 15 21.03 -26.89 29.04
CA SER A 15 22.20 -27.30 28.27
C SER A 15 21.93 -27.03 26.79
N PRO A 16 22.91 -26.42 26.09
CA PRO A 16 22.78 -26.25 24.65
C PRO A 16 22.48 -27.58 23.96
N ALA A 17 22.95 -28.68 24.55
CA ALA A 17 22.74 -30.00 23.97
C ALA A 17 21.25 -30.40 24.00
N LYS A 18 20.51 -29.80 24.93
CA LYS A 18 19.09 -30.07 25.07
C LYS A 18 18.32 -29.18 24.10
N GLN A 19 19.04 -28.29 23.41
CA GLN A 19 18.40 -27.34 22.50
C GLN A 19 18.93 -27.46 21.09
N GLY A 20 19.43 -28.66 20.78
CA GLY A 20 19.79 -28.99 19.42
C GLY A 20 21.25 -28.76 19.05
N TRP A 21 22.05 -28.28 20.00
CA TRP A 21 23.44 -27.94 19.72
C TRP A 21 24.37 -29.10 20.00
N MET A 22 25.47 -29.13 19.25
CA MET A 22 26.41 -30.22 19.32
C MET A 22 27.68 -29.74 20.04
N GLN A 23 28.02 -30.40 21.14
CA GLN A 23 29.20 -30.07 21.91
C GLN A 23 30.45 -30.36 21.08
N ASP A 24 31.39 -29.42 21.05
CA ASP A 24 32.62 -29.62 20.29
C ASP A 24 33.82 -29.14 21.11
N ASN A 25 34.20 -29.95 22.09
CA ASN A 25 35.31 -29.61 22.96
C ASN A 25 36.56 -30.44 22.62
N THR A 26 37.71 -29.96 23.06
CA THR A 26 38.94 -30.74 22.97
C THR A 26 39.66 -30.63 24.31
N ASN A 27 40.47 -31.63 24.64
CA ASN A 27 41.34 -31.59 25.79
C ASN A 27 40.58 -31.22 27.06
N ASN A 28 40.92 -30.11 27.71
CA ASN A 28 40.28 -29.77 28.97
C ASN A 28 39.12 -28.78 28.84
N GLY A 29 38.77 -28.45 27.59
CA GLY A 29 37.65 -27.56 27.32
C GLY A 29 36.37 -28.11 27.89
N SER A 30 35.56 -27.23 28.45
CA SER A 30 34.33 -27.66 29.10
C SER A 30 33.27 -26.55 29.13
N GLY A 31 32.21 -26.80 29.88
CA GLY A 31 31.16 -25.82 30.04
C GLY A 31 30.26 -26.21 31.19
N VAL A 32 29.58 -25.23 31.77
CA VAL A 32 28.68 -25.51 32.89
C VAL A 32 27.59 -24.43 32.98
N LEU A 33 26.40 -24.82 33.42
CA LEU A 33 25.34 -23.84 33.69
C LEU A 33 25.75 -22.90 34.81
N THR A 34 25.39 -21.63 34.70
CA THR A 34 25.74 -20.65 35.70
C THR A 34 24.54 -19.74 35.95
N ASN A 35 24.42 -19.24 37.18
CA ASN A 35 23.20 -18.52 37.56
C ASN A 35 23.43 -17.35 38.51
N ALA A 36 24.05 -16.29 38.00
CA ALA A 36 24.21 -15.04 38.76
C ALA A 36 22.88 -14.54 39.36
N MET A 39 20.66 -14.57 37.07
CA MET A 39 20.31 -14.67 35.66
C MET A 39 21.10 -15.77 34.93
N PRO A 40 20.39 -16.82 34.49
CA PRO A 40 20.95 -18.08 33.97
C PRO A 40 21.79 -17.92 32.71
N ALA A 41 22.86 -18.69 32.61
CA ALA A 41 23.72 -18.60 31.45
C ALA A 41 24.54 -19.87 31.26
N TRP A 42 24.99 -20.12 30.04
CA TRP A 42 25.95 -21.18 29.81
C TRP A 42 27.37 -20.62 29.80
N LEU A 43 28.17 -21.09 30.74
CA LEU A 43 29.55 -20.63 30.86
C LEU A 43 30.45 -21.52 30.01
N VAL A 44 31.01 -20.93 28.96
CA VAL A 44 31.95 -21.66 28.11
C VAL A 44 33.34 -21.60 28.75
N GLN A 45 33.91 -22.76 29.03
CA GLN A 45 35.20 -22.83 29.70
C GLN A 45 36.29 -23.43 28.79
N GLY A 46 36.80 -22.61 27.88
CA GLY A 46 37.80 -23.07 26.92
C GLY A 46 39.19 -22.94 27.49
N ILE A 47 39.39 -23.52 28.66
CA ILE A 47 40.64 -23.44 29.39
C ILE A 47 41.45 -24.70 29.10
N GLY A 48 42.55 -24.54 28.35
CA GLY A 48 43.36 -25.68 27.94
C GLY A 48 42.58 -26.63 27.04
N GLY A 49 41.84 -26.08 26.09
CA GLY A 49 41.13 -26.88 25.13
C GLY A 49 40.13 -26.02 24.41
N ARG A 50 39.55 -26.55 23.34
CA ARG A 50 38.44 -25.87 22.66
C ARG A 50 37.15 -26.09 23.43
N ALA A 51 36.26 -25.09 23.45
CA ALA A 51 34.94 -25.29 24.03
C ALA A 51 33.94 -24.50 23.22
N GLN A 52 33.19 -25.20 22.38
CA GLN A 52 32.22 -24.51 21.53
C GLN A 52 31.03 -25.42 21.25
N TRP A 53 30.01 -24.85 20.62
CA TRP A 53 28.78 -25.54 20.32
C TRP A 53 28.47 -25.31 18.85
N THR A 54 27.97 -26.32 18.15
CA THR A 54 27.73 -26.19 16.72
C THR A 54 26.33 -26.65 16.32
N TYR A 55 25.88 -26.17 15.16
CA TYR A 55 24.60 -26.55 14.58
C TYR A 55 24.79 -26.78 13.09
N SER A 56 24.29 -27.91 12.58
CA SER A 56 24.45 -28.25 11.15
C SER A 56 23.27 -27.77 10.35
N LEU A 57 23.53 -27.19 9.19
CA LEU A 57 22.46 -26.73 8.28
C LEU A 57 22.49 -27.51 6.97
N SER A 58 21.35 -27.57 6.29
CA SER A 58 21.27 -28.23 4.97
C SER A 58 21.73 -27.32 3.84
N THR A 59 22.02 -27.92 2.69
CA THR A 59 22.39 -27.17 1.49
C THR A 59 21.33 -26.13 1.16
N ASN A 60 20.06 -26.51 1.29
CA ASN A 60 19.00 -25.57 0.98
C ASN A 60 18.96 -24.44 2.02
N GLN A 61 19.22 -24.74 3.29
CA GLN A 61 19.24 -23.67 4.28
C GLN A 61 20.36 -22.66 4.02
N HIS A 62 21.56 -23.14 3.69
CA HIS A 62 22.66 -22.24 3.34
C HIS A 62 22.31 -21.38 2.11
N ALA A 63 21.64 -22.00 1.15
CA ALA A 63 21.28 -21.31 -0.09
C ALA A 63 20.28 -20.19 0.19
N GLN A 64 19.34 -20.46 1.10
CA GLN A 64 18.36 -19.47 1.51
C GLN A 64 19.04 -18.29 2.20
N ALA A 65 19.92 -18.61 3.15
CA ALA A 65 20.75 -17.63 3.81
C ALA A 65 21.54 -16.77 2.83
N SER A 66 22.06 -17.37 1.77
CA SER A 66 22.83 -16.62 0.78
C SER A 66 21.91 -15.71 -0.02
N SER A 67 20.76 -16.22 -0.41
CA SER A 67 19.84 -15.46 -1.25
C SER A 67 19.12 -14.34 -0.49
N PHE A 68 18.84 -14.56 0.80
CA PHE A 68 17.92 -13.65 1.49
C PHE A 68 18.48 -13.00 2.73
N GLY A 69 19.67 -13.43 3.12
CA GLY A 69 20.35 -12.79 4.23
C GLY A 69 20.18 -13.58 5.50
N TRP A 70 20.89 -13.14 6.53
CA TRP A 70 20.78 -13.80 7.82
C TRP A 70 21.24 -12.83 8.87
N ARG A 71 21.00 -13.20 10.13
CA ARG A 71 21.35 -12.39 11.26
CA ARG A 71 21.48 -12.41 11.24
C ARG A 71 21.75 -13.30 12.44
N MET A 72 22.84 -13.00 13.12
CA MET A 72 23.21 -13.76 14.30
C MET A 72 23.36 -12.81 15.48
N THR A 73 22.57 -13.03 16.52
CA THR A 73 22.55 -12.16 17.67
C THR A 73 23.00 -12.94 18.92
N THR A 74 24.00 -12.42 19.62
CA THR A 74 24.51 -13.06 20.83
C THR A 74 24.45 -12.14 22.04
N GLU A 75 23.92 -12.63 23.16
CA GLU A 75 24.06 -11.92 24.43
C GLU A 75 24.99 -12.72 25.30
N MET A 76 26.15 -12.16 25.59
CA MET A 76 27.19 -12.88 26.34
C MET A 76 28.05 -11.89 27.10
N LYS A 77 28.77 -12.41 28.09
CA LYS A 77 29.84 -11.63 28.68
C LYS A 77 31.13 -12.40 28.56
N VAL A 78 32.21 -11.69 28.25
CA VAL A 78 33.53 -12.31 28.14
C VAL A 78 34.26 -12.13 29.47
N LEU A 79 34.66 -13.24 30.07
CA LEU A 79 35.26 -13.19 31.38
C LEU A 79 36.78 -13.09 31.29
N SER A 80 37.36 -13.78 30.31
CA SER A 80 38.80 -13.81 30.17
C SER A 80 39.21 -14.42 28.85
N GLY A 81 40.42 -14.10 28.42
CA GLY A 81 41.06 -14.81 27.33
C GLY A 81 40.63 -14.26 25.99
N GLY A 82 40.56 -15.14 25.00
CA GLY A 82 40.24 -14.71 23.65
C GLY A 82 39.72 -15.83 22.78
N MET A 83 39.80 -15.61 21.48
CA MET A 83 39.24 -16.53 20.50
C MET A 83 37.80 -16.88 20.86
N ILE A 84 37.05 -15.87 21.25
CA ILE A 84 35.62 -16.03 21.43
C ILE A 84 35.02 -15.86 20.06
N THR A 85 34.57 -16.98 19.50
CA THR A 85 34.22 -17.00 18.08
C THR A 85 32.77 -17.43 17.87
N ASN A 86 31.89 -16.46 17.63
CA ASN A 86 30.49 -16.75 17.33
C ASN A 86 30.23 -16.36 15.88
N TYR A 87 29.94 -17.34 15.04
CA TYR A 87 29.91 -17.08 13.61
C TYR A 87 29.17 -18.14 12.86
N TYR A 88 29.09 -17.94 11.55
CA TYR A 88 28.37 -18.81 10.66
C TYR A 88 29.26 -19.12 9.46
N ALA A 89 29.36 -20.38 9.08
CA ALA A 89 30.15 -20.82 7.93
C ALA A 89 29.30 -21.74 7.09
N ASN A 90 29.30 -21.53 5.78
CA ASN A 90 28.36 -22.24 4.90
C ASN A 90 29.01 -23.29 4.02
N GLY A 91 30.24 -23.70 4.33
CA GLY A 91 30.92 -24.68 3.51
C GLY A 91 31.90 -24.09 2.52
N THR A 92 31.74 -22.81 2.18
CA THR A 92 32.69 -22.15 1.26
C THR A 92 33.17 -20.81 1.78
N GLN A 93 32.34 -20.15 2.58
CA GLN A 93 32.68 -18.83 3.10
C GLN A 93 32.17 -18.62 4.51
N ARG A 94 32.75 -17.64 5.20
CA ARG A 94 32.28 -17.27 6.54
C ARG A 94 32.68 -15.83 6.78
N VAL A 95 31.96 -15.19 7.67
CA VAL A 95 32.38 -13.92 8.22
C VAL A 95 32.81 -14.19 9.66
N LEU A 96 34.09 -14.02 9.96
CA LEU A 96 34.58 -14.38 11.30
C LEU A 96 35.00 -13.18 12.15
N PRO A 97 34.14 -12.77 13.11
CA PRO A 97 34.59 -11.84 14.14
C PRO A 97 35.34 -12.61 15.22
N ILE A 98 36.43 -12.07 15.73
CA ILE A 98 37.09 -12.68 16.87
C ILE A 98 37.08 -11.70 18.04
N ILE A 99 36.43 -12.11 19.12
CA ILE A 99 36.27 -11.23 20.27
C ILE A 99 37.21 -11.71 21.38
N SER A 100 37.80 -10.75 22.09
CA SER A 100 38.73 -11.09 23.16
C SER A 100 38.84 -9.97 24.17
N LEU A 101 39.54 -10.24 25.27
CA LEU A 101 40.04 -9.19 26.13
C LEU A 101 41.51 -8.99 25.77
N ASP A 102 41.93 -7.76 25.50
CA ASP A 102 43.33 -7.53 25.15
C ASP A 102 44.18 -7.49 26.42
N SER A 103 45.46 -7.14 26.29
CA SER A 103 46.37 -7.18 27.43
C SER A 103 46.07 -6.12 28.45
N SER A 104 45.15 -5.20 28.13
CA SER A 104 44.72 -4.18 29.07
C SER A 104 43.33 -4.49 29.64
N GLY A 105 42.80 -5.67 29.34
CA GLY A 105 41.49 -6.03 29.86
C GLY A 105 40.34 -5.40 29.08
N ASN A 106 40.67 -4.70 28.00
CA ASN A 106 39.62 -4.10 27.19
C ASN A 106 39.02 -5.14 26.27
N LEU A 107 37.71 -5.02 26.09
CA LEU A 107 36.98 -5.88 25.20
C LEU A 107 37.11 -5.38 23.77
N VAL A 108 37.64 -6.24 22.90
CA VAL A 108 37.92 -5.84 21.52
C VAL A 108 37.42 -6.85 20.50
N VAL A 109 37.28 -6.41 19.26
CA VAL A 109 36.92 -7.30 18.18
C VAL A 109 37.82 -7.04 16.97
N GLU A 110 38.14 -8.11 16.26
CA GLU A 110 38.87 -8.04 15.00
C GLU A 110 38.16 -8.96 14.02
N PHE A 111 38.41 -8.80 12.73
CA PHE A 111 37.71 -9.61 11.74
C PHE A 111 38.69 -10.24 10.78
N GLU A 112 38.48 -11.51 10.47
CA GLU A 112 39.28 -12.13 9.43
C GLU A 112 38.97 -11.45 8.09
N GLY A 113 40.01 -11.03 7.38
CA GLY A 113 39.84 -10.43 6.06
C GLY A 113 39.77 -8.90 6.08
N GLN A 114 39.82 -8.33 7.29
CA GLN A 114 39.99 -6.90 7.47
C GLN A 114 41.15 -6.63 8.43
N THR A 115 41.78 -5.47 8.29
CA THR A 115 42.96 -5.11 9.07
C THR A 115 42.59 -4.42 10.40
N GLY A 116 43.19 -4.90 11.49
CA GLY A 116 43.16 -4.17 12.75
C GLY A 116 42.00 -4.45 13.70
N ARG A 117 42.10 -3.88 14.89
CA ARG A 117 41.12 -4.15 15.94
C ARG A 117 40.29 -2.92 16.34
N THR A 118 39.12 -3.17 16.90
CA THR A 118 38.29 -2.11 17.46
C THR A 118 37.97 -2.40 18.92
N VAL A 119 38.23 -1.43 19.80
CA VAL A 119 37.82 -1.54 21.19
C VAL A 119 36.31 -1.37 21.31
N LEU A 120 35.67 -2.26 22.05
CA LEU A 120 34.23 -2.21 22.18
C LEU A 120 33.85 -1.63 23.52
N ALA A 121 34.57 -2.04 24.56
CA ALA A 121 34.28 -1.56 25.90
C ALA A 121 35.51 -1.64 26.77
N THR A 122 35.60 -0.72 27.73
CA THR A 122 36.71 -0.60 28.66
C THR A 122 36.20 -0.67 30.10
N GLY A 123 37.11 -0.86 31.05
CA GLY A 123 36.75 -0.85 32.46
C GLY A 123 35.90 -2.04 32.86
N THR A 124 35.03 -1.86 33.85
CA THR A 124 34.19 -2.96 34.30
C THR A 124 33.25 -3.39 33.18
N ALA A 125 32.96 -2.49 32.25
CA ALA A 125 32.07 -2.79 31.11
C ALA A 125 32.61 -3.92 30.24
N ALA A 126 33.93 -4.06 30.18
CA ALA A 126 34.54 -5.05 29.30
C ALA A 126 34.11 -6.47 29.65
N THR A 127 33.89 -6.75 30.94
CA THR A 127 33.49 -8.09 31.37
C THR A 127 32.04 -8.19 31.82
N GLU A 128 31.21 -7.27 31.33
CA GLU A 128 29.78 -7.35 31.57
C GLU A 128 29.06 -7.83 30.32
N TYR A 129 27.79 -8.20 30.47
CA TYR A 129 27.01 -8.64 29.32
C TYR A 129 26.77 -7.55 28.27
N HIS A 130 26.85 -7.95 27.01
CA HIS A 130 26.52 -7.05 25.89
C HIS A 130 25.79 -7.83 24.81
N LYS A 131 25.24 -7.10 23.84
CA LYS A 131 24.52 -7.72 22.74
C LYS A 131 25.37 -7.55 21.48
N PHE A 132 25.73 -8.67 20.88
CA PHE A 132 26.57 -8.68 19.69
C PHE A 132 25.73 -9.13 18.49
N GLU A 133 25.68 -8.29 17.45
CA GLU A 133 24.89 -8.62 16.27
C GLU A 133 25.69 -8.54 14.98
N LEU A 134 25.56 -9.60 14.19
CA LEU A 134 26.13 -9.65 12.84
C LEU A 134 24.94 -9.71 11.89
N VAL A 135 24.88 -8.79 10.93
CA VAL A 135 23.78 -8.80 9.96
C VAL A 135 24.31 -8.93 8.53
N PHE A 136 23.87 -9.94 7.80
CA PHE A 136 24.40 -10.20 6.46
C PHE A 136 23.37 -9.82 5.42
N LEU A 137 23.74 -8.88 4.55
CA LEU A 137 22.91 -8.47 3.42
C LEU A 137 23.37 -9.15 2.14
N PRO A 138 22.45 -9.79 1.42
CA PRO A 138 22.84 -10.57 0.26
C PRO A 138 23.09 -9.68 -0.96
N GLY A 139 23.79 -10.20 -1.97
CA GLY A 139 24.01 -9.45 -3.18
C GLY A 139 25.18 -10.03 -3.95
N SER A 140 25.45 -9.47 -5.13
CA SER A 140 26.54 -9.94 -5.99
C SER A 140 27.88 -9.84 -5.27
N ASN A 141 28.08 -8.75 -4.55
CA ASN A 141 29.26 -8.54 -3.72
C ASN A 141 28.85 -8.33 -2.26
N PRO A 142 28.42 -9.40 -1.58
CA PRO A 142 27.69 -9.23 -0.31
C PRO A 142 28.60 -8.94 0.86
N SER A 143 28.04 -8.44 1.96
CA SER A 143 28.86 -8.18 3.15
C SER A 143 28.01 -8.16 4.42
N ALA A 144 28.68 -8.22 5.56
CA ALA A 144 28.01 -8.18 6.83
C ALA A 144 28.34 -6.88 7.52
N SER A 145 27.55 -6.53 8.52
CA SER A 145 27.90 -5.41 9.39
C SER A 145 27.79 -5.90 10.83
N PHE A 146 28.63 -5.35 11.71
CA PHE A 146 28.74 -5.80 13.10
C PHE A 146 28.29 -4.69 14.06
N TYR A 147 27.43 -5.05 15.02
CA TYR A 147 26.85 -4.07 15.95
C TYR A 147 27.13 -4.51 17.37
N PHE A 148 27.37 -3.53 18.25
CA PHE A 148 27.64 -3.74 19.67
C PHE A 148 26.71 -2.85 20.49
N ASP A 149 25.84 -3.50 21.27
CA ASP A 149 24.74 -2.82 21.99
C ASP A 149 23.99 -1.84 21.09
N GLY A 150 23.73 -2.29 19.86
CA GLY A 150 22.94 -1.54 18.91
C GLY A 150 23.69 -0.51 18.08
N LYS A 151 25.00 -0.42 18.24
CA LYS A 151 25.77 0.58 17.50
C LYS A 151 26.62 -0.07 16.42
N LEU A 152 26.59 0.48 15.21
CA LEU A 152 27.43 0.01 14.11
C LEU A 152 28.91 0.17 14.46
N ILE A 153 29.61 -0.95 14.49
CA ILE A 153 31.04 -0.93 14.81
C ILE A 153 31.84 -1.06 13.53
N ARG A 154 31.47 -2.03 12.70
CA ARG A 154 32.18 -2.18 11.45
C ARG A 154 31.24 -2.63 10.35
N ASP A 155 31.44 -2.05 9.16
CA ASP A 155 30.58 -2.27 8.02
C ASP A 155 31.34 -2.92 6.86
N ASN A 156 30.59 -3.42 5.89
CA ASN A 156 31.16 -3.97 4.66
C ASN A 156 32.19 -5.09 4.89
N ILE A 157 31.88 -5.95 5.86
CA ILE A 157 32.73 -7.07 6.16
C ILE A 157 32.51 -8.18 5.14
N GLN A 158 33.45 -8.35 4.22
CA GLN A 158 33.26 -9.34 3.17
C GLN A 158 33.60 -10.75 3.66
N PRO A 159 32.84 -11.74 3.18
CA PRO A 159 33.04 -13.13 3.64
C PRO A 159 34.41 -13.62 3.19
N THR A 160 35.02 -14.53 3.95
CA THR A 160 36.32 -15.09 3.61
C THR A 160 36.21 -16.59 3.40
N ALA A 161 37.17 -17.18 2.71
CA ALA A 161 37.03 -18.58 2.32
C ALA A 161 37.16 -19.50 3.54
N SER A 162 36.30 -20.52 3.61
CA SER A 162 36.37 -21.54 4.64
C SER A 162 35.57 -22.75 4.24
N LYS A 163 36.11 -23.93 4.50
CA LYS A 163 35.35 -25.16 4.26
C LYS A 163 34.48 -25.51 5.48
N GLN A 164 34.54 -24.70 6.52
CA GLN A 164 33.69 -24.97 7.66
C GLN A 164 32.23 -24.78 7.28
N ASN A 165 31.38 -25.57 7.91
CA ASN A 165 29.99 -25.71 7.58
C ASN A 165 29.26 -25.94 8.89
N MET A 166 28.82 -24.85 9.51
CA MET A 166 28.18 -24.87 10.83
C MET A 166 27.91 -23.46 11.35
N ILE A 167 26.86 -23.36 12.17
CA ILE A 167 26.70 -22.26 13.09
C ILE A 167 27.53 -22.61 14.32
N VAL A 168 28.32 -21.67 14.83
CA VAL A 168 29.26 -21.95 15.95
C VAL A 168 29.26 -20.83 16.99
N TRP A 169 29.33 -21.18 18.28
CA TRP A 169 29.62 -20.17 19.29
C TRP A 169 30.47 -20.77 20.41
N GLY A 170 31.31 -19.90 20.97
CA GLY A 170 32.12 -20.29 22.12
C GLY A 170 33.56 -19.89 21.88
N ASN A 171 34.45 -20.68 22.45
CA ASN A 171 35.88 -20.48 22.33
C ASN A 171 36.43 -21.46 21.30
N GLY A 172 36.63 -20.99 20.08
CA GLY A 172 36.97 -21.87 18.98
C GLY A 172 38.44 -22.19 18.82
N SER A 173 39.16 -22.31 19.91
CA SER A 173 40.59 -22.58 19.80
C SER A 173 41.07 -23.52 20.89
N SER A 174 41.87 -24.51 20.50
CA SER A 174 42.48 -25.40 21.47
C SER A 174 43.64 -24.71 22.18
N ASN A 175 44.44 -23.95 21.44
CA ASN A 175 45.68 -23.44 22.01
C ASN A 175 45.53 -22.08 22.70
N THR A 176 44.33 -21.50 22.62
CA THR A 176 44.10 -20.16 23.17
C THR A 176 42.91 -20.20 24.16
N ASP A 177 43.18 -19.88 25.42
CA ASP A 177 42.14 -19.86 26.44
C ASP A 177 41.11 -18.77 26.17
N GLY A 178 39.84 -19.10 26.36
CA GLY A 178 38.79 -18.09 26.37
C GLY A 178 37.64 -18.55 27.22
N VAL A 179 37.07 -17.63 28.00
CA VAL A 179 35.99 -17.94 28.92
C VAL A 179 34.87 -16.89 28.77
N ALA A 180 33.67 -17.38 28.53
CA ALA A 180 32.55 -16.48 28.25
C ALA A 180 31.23 -17.15 28.62
N ALA A 181 30.30 -16.34 29.11
CA ALA A 181 28.98 -16.81 29.56
C ALA A 181 27.93 -16.31 28.58
N TYR A 182 27.08 -17.22 28.13
CA TYR A 182 26.07 -16.89 27.12
C TYR A 182 24.67 -16.99 27.68
N ARG A 183 23.93 -15.89 27.59
CA ARG A 183 22.51 -15.89 27.94
C ARG A 183 21.63 -16.36 26.79
N ASP A 184 22.07 -16.09 25.56
CA ASP A 184 21.19 -16.25 24.40
C ASP A 184 22.00 -16.18 23.11
N ILE A 185 21.74 -17.13 22.20
CA ILE A 185 22.26 -17.06 20.82
C ILE A 185 21.08 -17.17 19.87
N LYS A 186 20.98 -16.27 18.89
CA LYS A 186 19.95 -16.43 17.86
C LYS A 186 20.59 -16.29 16.48
N PHE A 187 20.46 -17.34 15.68
CA PHE A 187 20.84 -17.24 14.28
C PHE A 187 19.58 -17.34 13.44
N GLU A 188 19.29 -16.31 12.67
CA GLU A 188 18.07 -16.31 11.86
C GLU A 188 18.41 -16.36 10.37
N ILE A 189 17.84 -17.33 9.65
CA ILE A 189 17.91 -17.33 8.19
C ILE A 189 16.69 -16.60 7.68
N GLN A 190 16.93 -15.52 6.94
CA GLN A 190 15.82 -14.76 6.35
C GLN A 190 15.13 -15.54 5.24
N GLY A 191 13.87 -15.16 4.95
CA GLY A 191 13.23 -15.57 3.72
C GLY A 191 12.47 -16.89 3.71
N ASP A 192 11.93 -17.31 4.85
CA ASP A 192 11.06 -18.50 4.86
C ASP A 192 9.86 -18.27 3.94
N VAL A 193 9.48 -19.28 3.17
CA VAL A 193 8.31 -19.20 2.31
C VAL A 193 7.02 -19.26 3.14
N ILE A 194 6.12 -18.29 2.93
CA ILE A 194 4.85 -18.25 3.63
C ILE A 194 3.65 -18.58 2.71
N PHE A 195 3.78 -18.20 1.44
CA PHE A 195 2.80 -18.54 0.41
C PHE A 195 3.58 -18.98 -0.85
N ARG A 196 3.13 -20.03 -1.52
CA ARG A 196 3.83 -20.55 -2.70
CA ARG A 196 3.84 -20.54 -2.69
C ARG A 196 3.21 -20.15 -4.03
N GLY A 197 4.06 -19.83 -4.99
CA GLY A 197 3.62 -19.52 -6.34
C GLY A 197 2.91 -20.75 -6.83
N PRO A 198 1.89 -20.60 -7.69
CA PRO A 198 1.48 -19.39 -8.39
C PRO A 198 0.49 -18.48 -7.65
N ASP A 199 0.32 -18.67 -6.34
CA ASP A 199 -0.30 -17.63 -5.52
C ASP A 199 0.57 -16.39 -5.66
N ARG A 200 0.00 -15.22 -5.41
CA ARG A 200 0.63 -13.93 -5.72
C ARG A 200 -0.02 -12.79 -4.91
N ILE A 201 0.62 -11.62 -4.95
CA ILE A 201 0.06 -10.33 -4.54
C ILE A 201 -0.06 -10.19 -3.02
N PRO A 202 1.09 -10.09 -2.33
CA PRO A 202 1.12 -10.16 -0.87
C PRO A 202 0.88 -8.83 -0.18
N SER A 203 0.35 -8.90 1.03
CA SER A 203 0.25 -7.75 1.90
C SER A 203 0.41 -8.22 3.35
N ILE A 204 0.72 -7.28 4.23
CA ILE A 204 0.99 -7.66 5.61
C ILE A 204 0.75 -6.48 6.56
N VAL A 205 0.27 -6.77 7.77
CA VAL A 205 0.11 -5.75 8.82
C VAL A 205 0.46 -6.42 10.15
N ALA A 206 0.82 -5.60 11.13
CA ALA A 206 1.11 -6.11 12.47
C ALA A 206 0.26 -5.38 13.53
N SER A 207 -0.11 -6.12 14.58
CA SER A 207 -0.89 -5.57 15.68
C SER A 207 -0.02 -4.85 16.71
N SER A 208 -0.32 -3.58 16.96
CA SER A 208 0.39 -2.88 18.03
C SER A 208 -0.16 -3.25 19.41
N VAL A 209 -1.44 -3.59 19.50
CA VAL A 209 -2.05 -3.91 20.80
C VAL A 209 -1.57 -5.25 21.31
N THR A 210 -1.36 -6.19 20.39
CA THR A 210 -0.83 -7.49 20.79
C THR A 210 0.52 -7.75 20.11
N PRO A 211 1.60 -7.33 20.76
CA PRO A 211 2.93 -7.52 20.15
C PRO A 211 3.15 -8.96 19.72
N GLY A 212 3.65 -9.13 18.50
CA GLY A 212 3.98 -10.46 18.01
C GLY A 212 2.97 -10.93 16.97
N VAL A 213 1.77 -10.34 16.99
CA VAL A 213 0.74 -10.77 16.04
C VAL A 213 0.94 -10.10 14.69
N VAL A 214 1.06 -10.92 13.67
CA VAL A 214 1.26 -10.46 12.29
C VAL A 214 0.28 -11.22 11.40
N THR A 215 -0.40 -10.50 10.49
CA THR A 215 -1.36 -11.11 9.61
C THR A 215 -1.02 -10.80 8.14
N ALA A 216 -0.85 -11.85 7.36
CA ALA A 216 -0.41 -11.71 5.97
C ALA A 216 -1.46 -12.25 5.02
N PHE A 217 -1.46 -11.76 3.77
CA PHE A 217 -2.47 -12.11 2.79
C PHE A 217 -1.83 -12.36 1.46
N ALA A 218 -2.53 -13.11 0.62
CA ALA A 218 -2.18 -13.23 -0.79
C ALA A 218 -3.39 -13.67 -1.54
N GLU A 219 -3.27 -13.73 -2.88
CA GLU A 219 -4.28 -14.35 -3.70
C GLU A 219 -3.96 -15.83 -3.87
N LYS A 220 -4.90 -16.69 -3.54
CA LYS A 220 -4.81 -18.12 -3.86
C LYS A 220 -5.28 -18.29 -5.31
N ARG A 221 -4.39 -18.75 -6.19
CA ARG A 221 -4.70 -18.78 -7.63
C ARG A 221 -4.71 -20.19 -8.15
N VAL A 222 -5.87 -20.85 -8.09
CA VAL A 222 -5.95 -22.22 -8.56
C VAL A 222 -5.99 -22.15 -10.07
N GLY A 223 -4.90 -22.57 -10.70
CA GLY A 223 -4.78 -22.39 -12.16
C GLY A 223 -3.82 -21.27 -12.54
N GLY A 224 -3.42 -20.47 -11.56
CA GLY A 224 -2.47 -19.39 -11.77
C GLY A 224 -3.01 -18.17 -12.49
N GLY A 225 -2.26 -17.08 -12.43
CA GLY A 225 -2.57 -15.90 -13.24
C GLY A 225 -3.56 -14.90 -12.65
N ASP A 226 -3.72 -13.78 -13.35
CA ASP A 226 -4.56 -12.68 -12.92
C ASP A 226 -6.05 -13.04 -12.87
N PRO A 227 -6.82 -12.32 -12.05
CA PRO A 227 -8.26 -12.56 -12.05
C PRO A 227 -8.88 -12.32 -13.45
N GLY A 228 -9.96 -13.02 -13.73
CA GLY A 228 -10.70 -12.82 -14.97
C GLY A 228 -10.50 -13.96 -15.95
N ALA A 229 -9.63 -14.93 -15.63
CA ALA A 229 -9.41 -16.02 -16.57
C ALA A 229 -10.35 -17.17 -16.25
N LEU A 230 -10.93 -17.75 -17.31
CA LEU A 230 -11.78 -18.92 -17.16
C LEU A 230 -11.02 -20.09 -16.53
N SER A 231 -9.72 -20.13 -16.79
CA SER A 231 -8.86 -21.23 -16.37
C SER A 231 -8.35 -21.09 -14.93
N ASN A 232 -8.76 -20.03 -14.23
CA ASN A 232 -8.44 -20.03 -12.80
C ASN A 232 -9.66 -19.70 -11.92
N THR A 233 -9.56 -20.11 -10.66
CA THR A 233 -10.48 -19.70 -9.61
C THR A 233 -9.64 -19.11 -8.48
N ASN A 234 -9.73 -17.81 -8.29
CA ASN A 234 -8.86 -17.12 -7.34
C ASN A 234 -9.60 -16.72 -6.07
N ASP A 235 -8.95 -16.95 -4.92
CA ASP A 235 -9.51 -16.60 -3.62
C ASP A 235 -8.50 -15.81 -2.81
N ILE A 236 -8.93 -15.26 -1.68
CA ILE A 236 -8.04 -14.56 -0.76
C ILE A 236 -7.64 -15.53 0.35
N ILE A 237 -6.34 -15.65 0.59
CA ILE A 237 -5.86 -16.48 1.70
C ILE A 237 -5.07 -15.66 2.71
N THR A 238 -5.00 -16.19 3.93
CA THR A 238 -4.35 -15.45 4.99
C THR A 238 -3.62 -16.44 5.90
N ARG A 239 -2.55 -15.96 6.53
CA ARG A 239 -1.94 -16.69 7.63
C ARG A 239 -1.57 -15.69 8.73
N THR A 240 -1.55 -16.15 9.97
CA THR A 240 -1.21 -15.30 11.10
C THR A 240 -0.03 -15.87 11.88
N SER A 241 0.89 -14.98 12.27
CA SER A 241 1.94 -15.33 13.23
C SER A 241 1.63 -14.71 14.58
N ARG A 242 2.03 -15.38 15.65
CA ARG A 242 1.86 -14.82 16.99
CA ARG A 242 1.87 -14.83 16.99
C ARG A 242 3.22 -14.66 17.68
N ASP A 243 4.29 -14.94 16.96
CA ASP A 243 5.63 -14.80 17.53
C ASP A 243 6.49 -13.84 16.71
N GLY A 244 5.83 -12.83 16.16
CA GLY A 244 6.52 -11.81 15.38
C GLY A 244 6.94 -12.23 13.97
N GLY A 245 6.23 -13.17 13.37
CA GLY A 245 6.53 -13.56 11.99
C GLY A 245 7.52 -14.71 11.82
N ILE A 246 7.78 -15.46 12.88
CA ILE A 246 8.69 -16.60 12.79
C ILE A 246 7.91 -17.86 12.39
N THR A 247 6.80 -18.11 13.07
CA THR A 247 5.98 -19.26 12.70
C THR A 247 4.61 -18.75 12.31
N TRP A 248 3.91 -19.51 11.48
CA TRP A 248 2.66 -19.07 10.86
C TRP A 248 1.61 -20.17 11.00
N ASP A 249 0.36 -19.79 11.27
CA ASP A 249 -0.67 -20.80 11.42
C ASP A 249 -1.16 -21.24 10.03
N THR A 250 -2.27 -21.97 10.01
CA THR A 250 -2.65 -22.70 8.81
C THR A 250 -3.22 -21.75 7.75
N GLU A 251 -2.79 -21.91 6.52
CA GLU A 251 -3.33 -21.09 5.43
C GLU A 251 -4.86 -21.17 5.39
N LEU A 252 -5.54 -20.02 5.44
CA LEU A 252 -7.00 -20.03 5.49
C LEU A 252 -7.59 -19.30 4.27
N ASN A 253 -8.47 -19.98 3.54
CA ASN A 253 -9.14 -19.40 2.37
C ASN A 253 -10.37 -18.63 2.87
N LEU A 254 -10.30 -17.31 2.83
CA LEU A 254 -11.37 -16.43 3.36
C LEU A 254 -12.58 -16.32 2.44
N THR A 255 -12.43 -16.59 1.15
CA THR A 255 -13.53 -16.28 0.24
C THR A 255 -14.24 -17.47 -0.42
N GLU A 256 -13.76 -18.70 -0.24
CA GLU A 256 -14.44 -19.82 -0.89
C GLU A 256 -15.89 -19.96 -0.37
N GLN A 257 -16.13 -19.56 0.87
CA GLN A 257 -17.49 -19.56 1.44
C GLN A 257 -18.45 -18.66 0.64
N ILE A 258 -17.92 -17.67 -0.07
CA ILE A 258 -18.81 -16.87 -0.95
C ILE A 258 -18.42 -17.05 -2.41
N ASN A 259 -17.81 -18.22 -2.68
CA ASN A 259 -17.39 -18.61 -4.02
C ASN A 259 -17.78 -20.07 -4.23
N VAL A 260 -19.04 -20.39 -3.93
CA VAL A 260 -19.43 -21.78 -3.73
C VAL A 260 -19.46 -22.58 -5.04
N SER A 261 -19.71 -21.89 -6.15
CA SER A 261 -19.66 -22.54 -7.47
C SER A 261 -18.43 -22.15 -8.30
N ASP A 262 -17.39 -21.65 -7.64
CA ASP A 262 -16.21 -21.13 -8.33
C ASP A 262 -16.63 -20.15 -9.42
N GLU A 263 -17.65 -19.33 -9.15
CA GLU A 263 -18.14 -18.41 -10.17
C GLU A 263 -17.38 -17.09 -10.13
N PHE A 264 -16.52 -16.92 -9.12
CA PHE A 264 -15.82 -15.64 -8.92
C PHE A 264 -14.33 -15.80 -8.81
N ASP A 265 -13.62 -14.69 -9.09
CA ASP A 265 -12.24 -14.53 -8.65
C ASP A 265 -12.21 -13.40 -7.61
N PHE A 266 -11.40 -13.53 -6.58
CA PHE A 266 -11.17 -12.42 -5.67
C PHE A 266 -9.72 -11.99 -5.78
N SER A 267 -9.44 -10.73 -5.51
CA SER A 267 -8.09 -10.24 -5.79
C SER A 267 -7.72 -9.09 -4.87
N ASP A 268 -6.41 -8.83 -4.78
CA ASP A 268 -5.87 -7.59 -4.20
C ASP A 268 -6.28 -7.38 -2.74
N PRO A 269 -5.78 -8.25 -1.87
CA PRO A 269 -6.11 -8.09 -0.44
C PRO A 269 -5.40 -6.90 0.18
N ARG A 270 -6.21 -5.96 0.69
CA ARG A 270 -5.74 -4.69 1.22
C ARG A 270 -6.13 -4.53 2.71
N PRO A 271 -5.24 -4.99 3.61
CA PRO A 271 -5.60 -4.95 5.03
C PRO A 271 -5.29 -3.64 5.66
N ILE A 272 -6.07 -3.34 6.70
CA ILE A 272 -5.83 -2.22 7.57
C ILE A 272 -5.92 -2.75 8.99
N TYR A 273 -4.92 -2.40 9.79
CA TYR A 273 -4.92 -2.71 11.21
C TYR A 273 -5.58 -1.59 12.02
N ASP A 274 -6.55 -1.96 12.85
CA ASP A 274 -7.31 -1.00 13.67
C ASP A 274 -6.98 -1.19 15.16
N PRO A 275 -6.19 -0.29 15.74
CA PRO A 275 -5.72 -0.40 17.13
C PRO A 275 -6.82 -0.14 18.14
N SER A 276 -7.89 0.50 17.69
CA SER A 276 -9.00 0.76 18.59
C SER A 276 -9.75 -0.52 18.90
N SER A 277 -9.94 -1.34 17.89
CA SER A 277 -10.64 -2.60 18.11
C SER A 277 -9.68 -3.80 18.15
N ASN A 278 -8.40 -3.54 17.88
CA ASN A 278 -7.39 -4.60 17.72
C ASN A 278 -7.87 -5.63 16.72
N THR A 279 -8.13 -5.16 15.49
CA THR A 279 -8.68 -6.01 14.45
C THR A 279 -7.90 -5.78 13.19
N VAL A 280 -7.98 -6.73 12.27
CA VAL A 280 -7.50 -6.49 10.92
C VAL A 280 -8.69 -6.48 9.96
N LEU A 281 -8.89 -5.37 9.26
CA LEU A 281 -9.99 -5.30 8.30
C LEU A 281 -9.39 -5.35 6.90
N VAL A 282 -9.61 -6.46 6.21
CA VAL A 282 -8.96 -6.63 4.91
C VAL A 282 -10.03 -6.51 3.81
N SER A 283 -9.79 -5.57 2.91
CA SER A 283 -10.71 -5.33 1.79
C SER A 283 -10.12 -5.97 0.55
N TYR A 284 -10.98 -6.51 -0.32
CA TYR A 284 -10.51 -7.17 -1.53
C TYR A 284 -11.58 -7.05 -2.63
N ALA A 285 -11.14 -7.21 -3.89
CA ALA A 285 -12.02 -7.12 -5.04
C ALA A 285 -12.72 -8.44 -5.30
N ARG A 286 -13.97 -8.36 -5.75
CA ARG A 286 -14.61 -9.52 -6.36
C ARG A 286 -14.68 -9.28 -7.89
N TRP A 287 -14.54 -10.36 -8.66
CA TRP A 287 -14.72 -10.34 -10.12
C TRP A 287 -15.52 -11.56 -10.55
N PRO A 288 -16.31 -11.46 -11.63
CA PRO A 288 -16.74 -12.73 -12.21
C PRO A 288 -15.48 -13.50 -12.63
N THR A 289 -15.50 -14.83 -12.54
CA THR A 289 -14.27 -15.60 -12.77
C THR A 289 -13.76 -15.45 -14.21
N ASP A 290 -14.63 -15.02 -15.12
CA ASP A 290 -14.23 -14.94 -16.51
C ASP A 290 -14.04 -13.51 -17.05
N ALA A 291 -13.99 -12.50 -16.20
CA ALA A 291 -13.68 -11.17 -16.70
C ALA A 291 -13.24 -10.25 -15.59
N ALA A 292 -12.18 -9.49 -15.83
CA ALA A 292 -11.72 -8.57 -14.80
C ALA A 292 -11.03 -7.35 -15.40
N GLN A 293 -10.04 -6.83 -14.65
CA GLN A 293 -9.45 -5.55 -15.03
C GLN A 293 -8.64 -5.58 -16.34
N ASN A 294 -7.85 -6.63 -16.52
CA ASN A 294 -7.05 -6.80 -17.75
C ASN A 294 -7.92 -6.70 -19.01
N GLY A 295 -7.44 -5.97 -20.02
CA GLY A 295 -8.17 -5.81 -21.27
C GLY A 295 -9.44 -4.95 -21.14
N ASP A 296 -9.62 -4.33 -19.98
CA ASP A 296 -10.85 -3.61 -19.67
C ASP A 296 -12.06 -4.49 -19.88
N ARG A 297 -11.95 -5.79 -19.61
CA ARG A 297 -13.04 -6.67 -20.02
C ARG A 297 -14.25 -6.58 -19.08
N ILE A 298 -13.98 -6.23 -17.82
CA ILE A 298 -15.02 -6.04 -16.81
C ILE A 298 -15.99 -4.90 -17.24
N LYS A 299 -17.27 -5.11 -17.02
CA LYS A 299 -18.28 -4.12 -17.45
C LYS A 299 -19.16 -3.85 -16.23
N PRO A 300 -19.80 -2.67 -16.18
CA PRO A 300 -20.49 -2.31 -14.94
C PRO A 300 -21.65 -3.23 -14.55
N TRP A 301 -22.19 -4.02 -15.47
CA TRP A 301 -23.31 -4.93 -15.15
C TRP A 301 -22.81 -6.25 -14.58
N MET A 302 -21.51 -6.44 -14.60
CA MET A 302 -20.93 -7.66 -14.07
C MET A 302 -20.64 -7.55 -12.56
N PRO A 303 -20.56 -8.70 -11.87
CA PRO A 303 -20.46 -8.70 -10.40
C PRO A 303 -19.09 -8.31 -9.80
N ASN A 304 -18.40 -7.31 -10.35
CA ASN A 304 -17.26 -6.74 -9.63
C ASN A 304 -17.76 -5.98 -8.42
N GLY A 305 -16.97 -5.96 -7.35
CA GLY A 305 -17.29 -5.13 -6.21
C GLY A 305 -16.16 -5.28 -5.18
N ILE A 306 -16.39 -4.76 -3.99
CA ILE A 306 -15.42 -4.88 -2.90
C ILE A 306 -16.13 -5.43 -1.66
N PHE A 307 -15.45 -6.39 -1.00
CA PHE A 307 -15.89 -7.01 0.24
C PHE A 307 -14.79 -6.79 1.28
N TYR A 308 -15.13 -6.89 2.56
CA TYR A 308 -14.07 -7.02 3.56
C TYR A 308 -14.38 -8.12 4.58
N SER A 309 -13.30 -8.62 5.18
CA SER A 309 -13.34 -9.61 6.24
C SER A 309 -12.64 -9.00 7.43
N VAL A 310 -13.13 -9.31 8.63
CA VAL A 310 -12.56 -8.78 9.87
C VAL A 310 -11.97 -9.90 10.74
N TYR A 311 -10.69 -9.74 11.08
CA TYR A 311 -9.98 -10.64 11.99
C TYR A 311 -9.95 -10.04 13.37
N ASP A 312 -10.53 -10.74 14.32
CA ASP A 312 -10.48 -10.30 15.72
C ASP A 312 -9.22 -10.88 16.35
N VAL A 313 -8.23 -10.03 16.60
CA VAL A 313 -6.91 -10.49 17.02
C VAL A 313 -7.03 -11.24 18.35
N ALA A 314 -7.90 -10.78 19.26
CA ALA A 314 -8.01 -11.40 20.58
C ALA A 314 -8.53 -12.84 20.53
N SER A 315 -9.42 -13.15 19.60
CA SER A 315 -10.00 -14.49 19.52
C SER A 315 -9.45 -15.35 18.39
N GLY A 316 -8.74 -14.72 17.45
CA GLY A 316 -8.35 -15.41 16.21
C GLY A 316 -9.53 -15.68 15.27
N ASN A 317 -10.69 -15.11 15.57
CA ASN A 317 -11.86 -15.33 14.73
C ASN A 317 -11.84 -14.47 13.49
N TRP A 318 -12.15 -15.09 12.36
CA TRP A 318 -12.39 -14.36 11.13
C TRP A 318 -13.90 -14.24 10.86
N GLN A 319 -14.40 -13.00 10.80
CA GLN A 319 -15.81 -12.75 10.49
C GLN A 319 -16.09 -12.98 9.01
N ALA A 320 -17.30 -13.44 8.67
CA ALA A 320 -17.68 -13.66 7.27
C ALA A 320 -17.62 -12.35 6.45
N PRO A 321 -17.35 -12.46 5.13
CA PRO A 321 -17.22 -11.26 4.28
C PRO A 321 -18.41 -10.34 4.34
N ILE A 322 -18.14 -9.04 4.22
CA ILE A 322 -19.19 -8.05 4.11
C ILE A 322 -19.02 -7.25 2.81
N ASP A 323 -20.10 -7.15 2.03
CA ASP A 323 -20.09 -6.49 0.73
C ASP A 323 -20.27 -4.99 0.93
N VAL A 324 -19.36 -4.18 0.40
CA VAL A 324 -19.57 -2.72 0.46
C VAL A 324 -19.69 -2.09 -0.93
N THR A 325 -19.98 -2.92 -1.93
CA THR A 325 -19.97 -2.47 -3.33
C THR A 325 -20.86 -1.25 -3.58
N ASP A 326 -22.07 -1.23 -3.00
CA ASP A 326 -22.99 -0.11 -3.26
CA ASP A 326 -23.02 -0.12 -3.21
C ASP A 326 -22.44 1.22 -2.76
N GLN A 327 -21.62 1.17 -1.71
CA GLN A 327 -21.05 2.37 -1.15
C GLN A 327 -19.87 2.89 -1.95
N VAL A 328 -19.13 2.02 -2.64
CA VAL A 328 -17.88 2.46 -3.23
C VAL A 328 -17.84 2.33 -4.74
N LYS A 329 -18.79 1.63 -5.35
CA LYS A 329 -18.77 1.45 -6.80
C LYS A 329 -19.85 2.35 -7.40
N GLU A 330 -19.44 3.55 -7.81
CA GLU A 330 -20.35 4.54 -8.38
C GLU A 330 -21.09 4.02 -9.58
N ARG A 331 -22.37 4.40 -9.70
CA ARG A 331 -23.14 4.14 -10.92
C ARG A 331 -23.68 5.46 -11.48
N SER A 332 -23.22 5.82 -12.67
CA SER A 332 -23.58 7.12 -13.24
C SER A 332 -23.31 7.20 -14.71
N PHE A 333 -23.91 8.20 -15.35
CA PHE A 333 -23.52 8.60 -16.69
C PHE A 333 -22.45 9.67 -16.52
N GLN A 334 -21.30 9.46 -17.15
CA GLN A 334 -20.17 10.36 -16.97
C GLN A 334 -19.82 11.09 -18.28
N ILE A 335 -19.66 12.41 -18.19
CA ILE A 335 -19.28 13.22 -19.33
C ILE A 335 -17.97 13.94 -19.02
N ALA A 336 -16.91 13.56 -19.75
CA ALA A 336 -15.63 14.24 -19.64
C ALA A 336 -15.44 15.22 -20.80
N GLY A 337 -15.75 16.48 -20.52
CA GLY A 337 -15.64 17.55 -21.49
C GLY A 337 -14.24 18.12 -21.45
N TRP A 338 -13.27 17.24 -21.75
CA TRP A 338 -11.85 17.55 -21.73
C TRP A 338 -11.37 17.74 -23.15
N GLY A 339 -11.17 18.99 -23.56
CA GLY A 339 -10.81 19.30 -24.94
C GLY A 339 -12.02 19.33 -25.83
N GLY A 340 -13.20 19.40 -25.23
CA GLY A 340 -14.40 19.49 -26.02
C GLY A 340 -15.58 19.69 -25.12
N SER A 341 -16.76 19.75 -25.73
CA SER A 341 -18.02 19.89 -25.05
C SER A 341 -18.98 18.77 -25.46
N GLU A 342 -19.88 18.40 -24.56
CA GLU A 342 -20.84 17.33 -24.82
C GLU A 342 -22.05 17.60 -23.95
N LEU A 343 -23.16 17.92 -24.60
CA LEU A 343 -24.44 18.24 -23.99
C LEU A 343 -25.53 17.31 -24.53
N TYR A 344 -26.51 17.01 -23.70
CA TYR A 344 -27.68 16.29 -24.15
C TYR A 344 -28.90 17.16 -23.92
N ARG A 345 -29.71 17.29 -24.97
CA ARG A 345 -30.87 18.14 -24.91
C ARG A 345 -32.10 17.34 -25.23
N ARG A 346 -33.13 17.51 -24.42
CA ARG A 346 -34.40 16.89 -24.70
C ARG A 346 -35.41 18.02 -24.91
N ASN A 347 -35.88 18.18 -26.15
CA ASN A 347 -36.90 19.18 -26.43
C ASN A 347 -38.21 18.86 -25.75
N THR A 348 -38.86 19.90 -25.20
CA THR A 348 -40.03 19.70 -24.35
C THR A 348 -41.13 20.70 -24.73
N SER A 349 -42.27 20.59 -24.05
CA SER A 349 -43.38 21.48 -24.30
C SER A 349 -43.86 22.14 -23.02
N LEU A 350 -42.91 22.60 -22.21
CA LEU A 350 -43.24 23.38 -21.02
C LEU A 350 -44.14 24.56 -21.35
N ASN A 351 -45.08 24.80 -20.47
CA ASN A 351 -45.96 25.96 -20.54
C ASN A 351 -45.44 27.02 -19.57
N SER A 352 -44.92 28.13 -20.09
CA SER A 352 -44.29 29.12 -19.23
C SER A 352 -45.28 29.83 -18.27
N GLN A 353 -46.57 29.70 -18.54
CA GLN A 353 -47.57 30.30 -17.69
C GLN A 353 -48.05 29.36 -16.57
N GLN A 354 -47.39 28.21 -16.44
CA GLN A 354 -47.65 27.31 -15.32
C GLN A 354 -46.35 27.06 -14.60
N ASP A 355 -46.42 26.70 -13.33
CA ASP A 355 -45.21 26.31 -12.60
C ASP A 355 -44.61 25.05 -13.22
N TRP A 356 -43.29 24.89 -13.08
CA TRP A 356 -42.66 23.61 -13.37
C TRP A 356 -41.53 23.40 -12.36
N GLN A 357 -41.04 22.16 -12.28
CA GLN A 357 -39.92 21.85 -11.40
C GLN A 357 -39.01 20.90 -12.11
N SER A 358 -37.72 20.98 -11.83
CA SER A 358 -36.81 19.97 -12.32
C SER A 358 -35.89 19.53 -11.20
N ASN A 359 -35.33 18.35 -11.35
CA ASN A 359 -34.30 17.85 -10.42
C ASN A 359 -33.16 17.23 -11.20
N ALA A 360 -31.94 17.48 -10.76
CA ALA A 360 -30.80 16.82 -11.38
C ALA A 360 -29.81 16.44 -10.30
N LYS A 361 -29.46 15.16 -10.27
CA LYS A 361 -28.51 14.66 -9.29
C LYS A 361 -27.14 14.53 -9.97
N ILE A 362 -26.23 15.42 -9.58
CA ILE A 362 -24.99 15.68 -10.30
C ILE A 362 -23.81 15.77 -9.36
N ARG A 363 -22.72 15.15 -9.80
CA ARG A 363 -21.42 15.23 -9.16
C ARG A 363 -20.43 15.96 -10.07
N ILE A 364 -19.73 16.95 -9.54
CA ILE A 364 -18.70 17.63 -10.30
C ILE A 364 -17.34 17.00 -9.98
N VAL A 365 -16.74 16.35 -10.98
CA VAL A 365 -15.45 15.69 -10.80
C VAL A 365 -14.36 16.73 -10.91
N ASP A 366 -14.39 17.54 -11.98
CA ASP A 366 -13.40 18.59 -12.11
C ASP A 366 -13.86 19.70 -13.03
N GLY A 367 -13.12 20.81 -12.99
CA GLY A 367 -13.26 21.86 -13.98
C GLY A 367 -14.52 22.70 -13.89
N ALA A 368 -14.99 23.13 -15.05
CA ALA A 368 -16.08 24.09 -15.10
C ALA A 368 -16.94 23.86 -16.36
N ALA A 369 -17.78 24.84 -16.67
CA ALA A 369 -18.75 24.76 -17.78
C ALA A 369 -19.65 23.53 -17.67
N ASN A 370 -19.84 23.01 -16.47
CA ASN A 370 -20.77 21.92 -16.23
C ASN A 370 -22.16 22.45 -15.94
N GLN A 371 -23.15 22.02 -16.72
CA GLN A 371 -24.44 22.72 -16.70
C GLN A 371 -25.66 21.82 -16.55
N ILE A 372 -26.68 22.36 -15.89
CA ILE A 372 -28.03 21.85 -15.97
C ILE A 372 -28.93 23.04 -16.37
N GLN A 373 -29.79 22.82 -17.36
CA GLN A 373 -30.56 23.91 -17.96
C GLN A 373 -32.01 23.49 -18.15
N VAL A 374 -32.92 24.42 -17.87
CA VAL A 374 -34.31 24.28 -18.30
C VAL A 374 -34.74 25.56 -19.01
N ALA A 375 -35.33 25.39 -20.18
CA ALA A 375 -35.90 26.49 -20.92
C ALA A 375 -37.37 26.17 -21.19
N ASP A 376 -38.25 27.14 -21.01
CA ASP A 376 -39.68 26.84 -21.01
C ASP A 376 -40.43 27.51 -22.15
N GLY A 377 -39.71 27.93 -23.18
CA GLY A 377 -40.32 28.56 -24.35
C GLY A 377 -40.39 30.05 -24.19
N SER A 378 -40.12 30.53 -22.99
CA SER A 378 -40.16 31.96 -22.69
C SER A 378 -38.84 32.41 -22.08
N ARG A 379 -38.31 31.63 -21.13
CA ARG A 379 -37.04 32.01 -20.54
C ARG A 379 -36.19 30.77 -20.34
N LYS A 380 -34.87 31.00 -20.24
CA LYS A 380 -33.90 29.94 -20.07
C LYS A 380 -33.27 30.06 -18.67
N TYR A 381 -33.16 28.94 -17.96
CA TYR A 381 -32.53 28.94 -16.65
C TYR A 381 -31.35 27.99 -16.65
N VAL A 382 -30.16 28.53 -16.49
CA VAL A 382 -28.95 27.71 -16.54
C VAL A 382 -28.11 27.80 -15.26
N VAL A 383 -27.82 26.66 -14.65
CA VAL A 383 -26.88 26.64 -13.55
C VAL A 383 -25.56 26.02 -14.01
N THR A 384 -24.46 26.77 -13.91
CA THR A 384 -23.14 26.29 -14.30
C THR A 384 -22.29 26.02 -13.09
N LEU A 385 -21.79 24.79 -12.99
CA LEU A 385 -21.09 24.32 -11.81
C LEU A 385 -19.59 24.15 -12.06
N SER A 386 -18.78 24.71 -11.17
CA SER A 386 -17.34 24.71 -11.38
C SER A 386 -16.60 24.41 -10.08
N ILE A 387 -15.36 23.97 -10.22
CA ILE A 387 -14.45 23.85 -9.08
C ILE A 387 -13.56 25.08 -9.11
N ASP A 388 -13.50 25.87 -8.03
CA ASP A 388 -12.67 27.07 -8.06
C ASP A 388 -11.25 26.77 -7.61
N GLU A 389 -10.45 27.83 -7.54
CA GLU A 389 -9.00 27.72 -7.24
C GLU A 389 -8.68 26.99 -5.94
N SER A 390 -9.49 27.25 -4.90
CA SER A 390 -9.24 26.65 -3.59
C SER A 390 -9.93 25.31 -3.47
N GLY A 391 -10.50 24.83 -4.58
CA GLY A 391 -11.13 23.53 -4.62
C GLY A 391 -12.54 23.53 -4.04
N GLY A 392 -13.18 24.70 -3.99
CA GLY A 392 -14.58 24.81 -3.61
C GLY A 392 -15.51 24.58 -4.79
N LEU A 393 -16.78 24.31 -4.49
CA LEU A 393 -17.83 24.10 -5.48
C LEU A 393 -18.65 25.39 -5.66
N VAL A 394 -18.73 25.85 -6.90
CA VAL A 394 -19.29 27.16 -7.17
C VAL A 394 -20.39 27.06 -8.21
N ALA A 395 -21.46 27.82 -8.01
CA ALA A 395 -22.55 27.93 -8.98
C ALA A 395 -22.59 29.32 -9.60
N ASN A 396 -22.70 29.36 -10.92
CA ASN A 396 -23.04 30.60 -11.62
C ASN A 396 -24.38 30.45 -12.33
N LEU A 397 -25.24 31.45 -12.17
CA LEU A 397 -26.54 31.41 -12.80
C LEU A 397 -26.59 32.40 -13.95
N ASN A 398 -27.13 31.97 -15.08
CA ASN A 398 -27.13 32.83 -16.27
C ASN A 398 -27.89 34.14 -16.00
N GLY A 399 -27.23 35.26 -16.30
CA GLY A 399 -27.83 36.55 -16.06
C GLY A 399 -27.43 37.21 -14.76
N VAL A 400 -26.91 36.42 -13.82
CA VAL A 400 -26.46 36.92 -12.53
C VAL A 400 -24.94 37.00 -12.46
N SER A 401 -24.41 38.19 -12.16
CA SER A 401 -22.96 38.38 -12.16
C SER A 401 -22.26 37.58 -11.06
N ALA A 402 -22.74 37.73 -9.83
CA ALA A 402 -22.07 37.16 -8.66
C ALA A 402 -22.18 35.63 -8.60
N PRO A 403 -21.03 34.92 -8.51
CA PRO A 403 -21.06 33.47 -8.28
C PRO A 403 -21.55 33.13 -6.87
N ILE A 404 -22.03 31.90 -6.67
CA ILE A 404 -22.42 31.44 -5.35
C ILE A 404 -21.60 30.25 -4.90
N ILE A 405 -20.92 30.37 -3.76
CA ILE A 405 -20.19 29.23 -3.23
C ILE A 405 -21.15 28.26 -2.56
N LEU A 406 -21.22 27.06 -3.11
CA LEU A 406 -22.09 26.01 -2.59
C LEU A 406 -21.44 25.17 -1.50
N GLN A 407 -20.16 24.85 -1.66
CA GLN A 407 -19.44 24.01 -0.70
C GLN A 407 -17.98 24.39 -0.64
N SER A 408 -17.38 24.27 0.54
CA SER A 408 -15.95 24.52 0.64
C SER A 408 -15.21 23.29 1.16
N GLU A 409 -15.94 22.41 1.82
CA GLU A 409 -15.38 21.16 2.34
C GLU A 409 -15.20 20.17 1.19
N HIS A 410 -13.97 19.69 0.96
CA HIS A 410 -13.65 19.01 -0.31
C HIS A 410 -14.43 17.70 -0.56
N ALA A 411 -14.75 16.95 0.50
CA ALA A 411 -15.57 15.75 0.31
C ALA A 411 -16.93 16.11 -0.27
N LYS A 412 -17.53 17.13 0.32
CA LYS A 412 -18.82 17.59 -0.14
C LYS A 412 -18.74 18.25 -1.52
N VAL A 413 -17.63 18.90 -1.82
CA VAL A 413 -17.42 19.56 -3.12
C VAL A 413 -17.60 18.57 -4.28
N HIS A 414 -17.10 17.36 -4.10
CA HIS A 414 -17.10 16.38 -5.20
C HIS A 414 -18.14 15.26 -5.03
N SER A 415 -19.08 15.39 -4.09
CA SER A 415 -20.12 14.38 -3.93
CA SER A 415 -20.13 14.39 -3.93
C SER A 415 -21.32 14.72 -4.80
N PHE A 416 -22.25 13.77 -4.92
CA PHE A 416 -23.49 14.08 -5.60
C PHE A 416 -24.33 15.06 -4.79
N HIS A 417 -25.03 15.94 -5.50
CA HIS A 417 -25.97 16.87 -4.89
C HIS A 417 -27.22 16.93 -5.75
N ASP A 418 -28.35 17.21 -5.11
CA ASP A 418 -29.60 17.39 -5.85
C ASP A 418 -29.85 18.85 -6.14
N TYR A 419 -29.87 19.16 -7.44
CA TYR A 419 -30.10 20.50 -7.93
C TYR A 419 -31.54 20.56 -8.41
N GLU A 420 -32.38 21.30 -7.68
CA GLU A 420 -33.79 21.42 -8.01
C GLU A 420 -34.12 22.84 -8.41
N LEU A 421 -34.85 22.97 -9.51
CA LEU A 421 -35.30 24.27 -9.93
C LEU A 421 -36.80 24.31 -9.73
N GLN A 422 -37.29 25.33 -9.03
CA GLN A 422 -38.73 25.51 -8.89
C GLN A 422 -39.12 26.82 -9.58
N TYR A 423 -39.87 26.71 -10.68
CA TYR A 423 -40.28 27.89 -11.41
C TYR A 423 -41.64 28.33 -10.96
N SER A 424 -41.78 29.62 -10.70
CA SER A 424 -43.07 30.24 -10.37
C SER A 424 -43.61 31.03 -11.54
N ALA A 425 -44.69 30.52 -12.14
CA ALA A 425 -45.32 31.25 -13.25
C ALA A 425 -45.75 32.65 -12.80
N LEU A 426 -46.20 32.76 -11.55
CA LEU A 426 -46.69 34.04 -11.02
C LEU A 426 -45.59 35.11 -10.99
N ASN A 427 -44.37 34.73 -10.61
CA ASN A 427 -43.27 35.68 -10.55
C ASN A 427 -42.38 35.66 -11.80
N HIS A 428 -42.59 34.66 -12.65
CA HIS A 428 -41.71 34.40 -13.78
C HIS A 428 -40.24 34.38 -13.35
N THR A 429 -39.99 33.82 -12.16
CA THR A 429 -38.64 33.54 -11.67
C THR A 429 -38.49 32.11 -11.13
N THR A 430 -37.25 31.66 -11.05
CA THR A 430 -36.98 30.29 -10.65
C THR A 430 -36.13 30.29 -9.39
N THR A 431 -36.47 29.42 -8.45
CA THR A 431 -35.68 29.26 -7.23
C THR A 431 -34.87 27.97 -7.26
N LEU A 432 -33.56 28.10 -7.03
CA LEU A 432 -32.66 26.95 -6.97
C LEU A 432 -32.61 26.40 -5.55
N PHE A 433 -32.83 25.10 -5.39
CA PHE A 433 -32.58 24.41 -4.13
C PHE A 433 -31.43 23.43 -4.34
N VAL A 434 -30.54 23.31 -3.37
CA VAL A 434 -29.51 22.27 -3.47
C VAL A 434 -29.59 21.41 -2.22
N ASP A 435 -29.81 20.12 -2.42
CA ASP A 435 -30.11 19.18 -1.34
C ASP A 435 -31.19 19.71 -0.39
N GLY A 436 -32.21 20.35 -0.96
CA GLY A 436 -33.36 20.82 -0.19
C GLY A 436 -33.13 22.18 0.45
N GLN A 437 -31.91 22.68 0.36
CA GLN A 437 -31.58 24.01 0.86
C GLN A 437 -31.88 25.07 -0.19
N GLN A 438 -32.72 26.04 0.16
CA GLN A 438 -33.00 27.14 -0.75
C GLN A 438 -31.75 27.99 -0.95
N ILE A 439 -31.36 28.19 -2.20
CA ILE A 439 -30.11 28.89 -2.46
C ILE A 439 -30.35 30.32 -2.93
N THR A 440 -31.17 30.48 -3.96
CA THR A 440 -31.41 31.80 -4.54
C THR A 440 -32.54 31.75 -5.57
N THR A 441 -32.98 32.93 -5.98
CA THR A 441 -34.04 33.07 -6.97
C THR A 441 -33.57 34.01 -8.10
N TRP A 442 -33.77 33.63 -9.36
CA TRP A 442 -33.38 34.53 -10.44
C TRP A 442 -34.30 34.35 -11.64
N ALA A 443 -34.19 35.28 -12.59
CA ALA A 443 -35.14 35.38 -13.70
C ALA A 443 -34.63 34.74 -14.98
N GLY A 444 -33.41 34.21 -14.96
CA GLY A 444 -32.84 33.60 -16.14
C GLY A 444 -32.71 34.59 -17.29
N GLU A 445 -32.80 34.11 -18.53
CA GLU A 445 -32.72 34.98 -19.69
C GLU A 445 -33.86 34.70 -20.65
N VAL A 446 -34.24 35.71 -21.43
CA VAL A 446 -35.23 35.52 -22.50
C VAL A 446 -34.79 34.41 -23.43
N SER A 447 -35.73 33.56 -23.87
CA SER A 447 -35.38 32.45 -24.75
C SER A 447 -36.62 31.85 -25.38
N GLN A 448 -36.47 31.32 -26.59
CA GLN A 448 -37.58 30.61 -27.23
C GLN A 448 -37.32 29.11 -27.18
N GLU A 449 -36.16 28.71 -26.66
CA GLU A 449 -35.88 27.29 -26.49
C GLU A 449 -36.89 26.67 -25.55
N ASN A 450 -37.16 25.39 -25.74
CA ASN A 450 -38.05 24.66 -24.85
C ASN A 450 -37.47 23.28 -24.66
N ASN A 451 -36.68 23.11 -23.60
CA ASN A 451 -35.96 21.87 -23.40
C ASN A 451 -35.44 21.76 -22.00
N ILE A 452 -34.88 20.58 -21.71
CA ILE A 452 -34.05 20.39 -20.56
C ILE A 452 -32.72 19.88 -21.13
N GLN A 453 -31.61 20.32 -20.54
CA GLN A 453 -30.32 20.05 -21.14
C GLN A 453 -29.23 19.93 -20.07
N PHE A 454 -28.27 19.03 -20.27
CA PHE A 454 -27.19 18.91 -19.31
C PHE A 454 -25.93 18.45 -20.01
N GLY A 455 -24.80 18.69 -19.36
CA GLY A 455 -23.53 18.19 -19.84
C GLY A 455 -22.44 19.22 -19.67
N ASN A 456 -21.39 19.09 -20.47
CA ASN A 456 -20.33 20.07 -20.41
C ASN A 456 -20.38 20.94 -21.64
N ALA A 457 -20.41 22.25 -21.43
CA ALA A 457 -20.98 23.17 -22.41
C ALA A 457 -19.99 23.95 -23.27
N ASP A 458 -18.71 23.91 -22.94
CA ASP A 458 -17.76 24.77 -23.61
C ASP A 458 -16.53 23.95 -24.01
N ALA A 459 -16.24 23.93 -25.31
CA ALA A 459 -15.08 23.19 -25.82
C ALA A 459 -13.76 23.77 -25.33
N GLN A 460 -13.76 25.02 -24.90
CA GLN A 460 -12.53 25.66 -24.42
C GLN A 460 -12.38 25.59 -22.90
N ILE A 461 -13.37 25.05 -22.21
CA ILE A 461 -13.31 24.94 -20.74
C ILE A 461 -13.45 23.50 -20.30
N ASP A 462 -12.35 22.90 -19.84
CA ASP A 462 -12.40 21.52 -19.39
C ASP A 462 -13.29 21.34 -18.14
N GLY A 463 -14.11 20.31 -18.16
CA GLY A 463 -14.87 19.93 -16.99
C GLY A 463 -15.36 18.51 -17.15
N ARG A 464 -15.56 17.84 -16.03
CA ARG A 464 -16.18 16.52 -16.02
C ARG A 464 -17.27 16.47 -14.97
N LEU A 465 -18.45 16.02 -15.38
CA LEU A 465 -19.59 15.89 -14.48
C LEU A 465 -20.19 14.52 -14.62
N HIS A 466 -20.67 13.96 -13.51
CA HIS A 466 -21.35 12.67 -13.51
C HIS A 466 -22.81 12.89 -13.07
N VAL A 467 -23.72 12.19 -13.73
CA VAL A 467 -25.16 12.39 -13.58
C VAL A 467 -25.83 11.11 -13.14
N GLN A 468 -26.72 11.17 -12.14
CA GLN A 468 -27.46 9.97 -11.74
C GLN A 468 -28.96 10.06 -12.07
N LYS A 469 -29.51 11.26 -12.04
CA LYS A 469 -30.94 11.36 -12.24
C LYS A 469 -31.24 12.70 -12.82
N ILE A 470 -32.14 12.74 -13.79
CA ILE A 470 -32.73 13.98 -14.26
C ILE A 470 -34.23 13.82 -14.40
N VAL A 471 -34.99 14.76 -13.83
CA VAL A 471 -36.45 14.77 -13.89
C VAL A 471 -36.93 16.17 -14.23
N LEU A 472 -38.00 16.24 -15.04
CA LEU A 472 -38.71 17.47 -15.33
C LEU A 472 -40.18 17.20 -15.12
N THR A 473 -40.84 18.09 -14.38
CA THR A 473 -42.22 17.90 -13.95
C THR A 473 -43.04 19.16 -14.20
N GLN A 474 -44.25 18.98 -14.74
CA GLN A 474 -45.19 20.09 -14.84
C GLN A 474 -46.62 19.59 -14.75
N GLN A 475 -47.46 20.35 -14.04
CA GLN A 475 -48.88 20.03 -13.88
C GLN A 475 -49.13 18.59 -13.46
N GLY A 476 -48.32 18.08 -12.51
CA GLY A 476 -48.53 16.75 -11.97
C GLY A 476 -48.15 15.60 -12.88
N HIS A 477 -47.30 15.86 -13.86
CA HIS A 477 -46.78 14.83 -14.75
C HIS A 477 -45.30 15.01 -14.95
N ASN A 478 -44.55 13.92 -14.89
CA ASN A 478 -43.16 13.94 -15.30
C ASN A 478 -43.01 13.94 -16.81
N LEU A 479 -42.41 15.00 -17.33
CA LEU A 479 -42.26 15.16 -18.78
C LEU A 479 -41.02 14.42 -19.25
N VAL A 480 -40.01 14.39 -18.40
CA VAL A 480 -38.70 13.87 -18.76
C VAL A 480 -38.15 13.12 -17.57
N GLU A 481 -37.60 11.93 -17.80
CA GLU A 481 -36.97 11.19 -16.71
C GLU A 481 -35.80 10.39 -17.23
N PHE A 482 -34.66 10.55 -16.57
CA PHE A 482 -33.45 9.85 -16.97
C PHE A 482 -32.76 9.33 -15.73
N ASP A 483 -32.75 8.01 -15.56
CA ASP A 483 -32.19 7.37 -14.36
C ASP A 483 -30.88 6.68 -14.71
N ALA A 484 -29.76 7.42 -14.68
CA ALA A 484 -28.47 6.88 -15.10
C ALA A 484 -27.96 5.88 -14.07
N PHE A 485 -28.33 6.10 -12.81
CA PHE A 485 -27.96 5.19 -11.73
C PHE A 485 -28.48 3.79 -12.02
N TYR A 486 -29.74 3.72 -12.40
CA TYR A 486 -30.33 2.44 -12.81
C TYR A 486 -29.68 1.87 -14.08
N LEU A 487 -29.65 2.68 -15.14
CA LEU A 487 -29.18 2.23 -16.45
C LEU A 487 -27.73 1.76 -16.44
N ALA A 488 -26.90 2.43 -15.66
CA ALA A 488 -25.49 2.11 -15.58
C ALA A 488 -25.20 0.65 -15.26
N GLN A 489 -26.04 -0.01 -14.44
CA GLN A 489 -25.72 -1.41 -14.10
C GLN A 489 -26.53 -2.45 -14.87
N GLN A 490 -27.27 -2.03 -15.87
CA GLN A 490 -28.09 -2.97 -16.63
C GLN A 490 -27.26 -3.66 -17.67
N THR A 491 -27.68 -4.84 -18.10
CA THR A 491 -26.97 -5.59 -19.11
C THR A 491 -27.15 -4.90 -20.48
N PRO A 492 -26.35 -5.28 -21.48
CA PRO A 492 -26.36 -4.57 -22.76
C PRO A 492 -27.65 -4.68 -23.56
N GLU A 493 -28.62 -5.49 -23.16
CA GLU A 493 -29.82 -5.56 -23.97
C GLU A 493 -30.83 -4.51 -23.52
N VAL A 494 -30.58 -3.87 -22.37
CA VAL A 494 -31.36 -2.71 -21.96
C VAL A 494 -30.85 -1.47 -22.68
N GLU A 495 -31.74 -0.74 -23.36
CA GLU A 495 -31.35 0.47 -24.08
C GLU A 495 -30.81 1.55 -23.14
N LYS A 496 -29.62 2.06 -23.44
CA LYS A 496 -28.97 3.05 -22.59
C LYS A 496 -28.50 4.28 -23.36
N ASP A 497 -28.57 4.21 -24.68
CA ASP A 497 -28.06 5.28 -25.52
C ASP A 497 -29.01 6.46 -25.41
N LEU A 498 -28.53 7.58 -24.88
CA LEU A 498 -29.39 8.76 -24.74
C LEU A 498 -30.00 9.20 -26.08
N GLU A 499 -29.25 9.04 -27.16
CA GLU A 499 -29.79 9.44 -28.46
C GLU A 499 -30.92 8.53 -28.93
N LYS A 500 -30.99 7.32 -28.37
CA LYS A 500 -32.10 6.44 -28.69
C LYS A 500 -33.21 6.59 -27.66
N LEU A 501 -32.94 7.38 -26.62
CA LEU A 501 -33.92 7.59 -25.56
C LEU A 501 -34.58 8.95 -25.67
N GLY A 502 -34.37 9.63 -26.81
CA GLY A 502 -35.05 10.87 -27.08
C GLY A 502 -34.25 12.14 -26.88
N TRP A 503 -32.94 12.01 -26.65
CA TRP A 503 -32.09 13.16 -26.41
C TRP A 503 -31.28 13.48 -27.66
N THR A 504 -30.96 14.75 -27.83
CA THR A 504 -30.07 15.18 -28.89
C THR A 504 -28.66 15.36 -28.33
N LYS A 505 -27.67 14.75 -28.96
CA LYS A 505 -26.29 14.91 -28.53
C LYS A 505 -25.66 16.09 -29.29
N ILE A 506 -25.14 17.03 -28.53
CA ILE A 506 -24.52 18.22 -29.08
C ILE A 506 -23.08 18.25 -28.61
N LYS A 507 -22.18 17.83 -29.50
CA LYS A 507 -20.79 17.63 -29.15
C LYS A 507 -19.89 18.47 -30.06
N THR A 508 -18.89 19.09 -29.47
CA THR A 508 -17.91 19.88 -30.20
C THR A 508 -16.53 19.43 -29.72
N GLY A 509 -15.59 19.23 -30.65
CA GLY A 509 -14.24 18.81 -30.27
C GLY A 509 -14.20 17.36 -29.86
N ASN A 510 -13.30 17.05 -28.92
CA ASN A 510 -13.10 15.69 -28.44
C ASN A 510 -13.60 15.58 -27.03
N THR A 511 -14.34 14.52 -26.72
CA THR A 511 -14.82 14.24 -25.36
C THR A 511 -14.87 12.74 -25.16
N MET A 512 -15.07 12.32 -23.90
CA MET A 512 -15.46 10.96 -23.58
C MET A 512 -16.72 10.97 -22.72
N SER A 513 -17.62 10.02 -22.97
CA SER A 513 -18.74 9.78 -22.07
C SER A 513 -19.01 8.29 -22.01
N LEU A 514 -19.64 7.87 -20.92
CA LEU A 514 -19.82 6.47 -20.62
C LEU A 514 -20.72 6.31 -19.41
N TYR A 515 -21.34 5.15 -19.30
CA TYR A 515 -21.89 4.73 -18.01
C TYR A 515 -20.77 3.98 -17.27
N GLY A 516 -20.57 4.35 -16.00
CA GLY A 516 -19.51 3.75 -15.21
C GLY A 516 -19.89 3.80 -13.73
N ASN A 517 -19.00 3.31 -12.87
CA ASN A 517 -17.69 2.80 -13.24
C ASN A 517 -17.70 1.31 -13.58
N ALA A 518 -16.77 0.87 -14.42
CA ALA A 518 -16.67 -0.54 -14.78
C ALA A 518 -16.20 -1.41 -13.60
N SER A 519 -15.24 -0.93 -12.82
CA SER A 519 -14.79 -1.67 -11.63
C SER A 519 -14.09 -0.83 -10.61
N VAL A 520 -14.06 -1.35 -9.38
CA VAL A 520 -13.24 -0.81 -8.32
C VAL A 520 -12.44 -1.96 -7.72
N ASN A 521 -11.29 -1.62 -7.18
CA ASN A 521 -10.30 -2.63 -6.77
C ASN A 521 -9.41 -2.04 -5.69
N PRO A 522 -9.33 -2.68 -4.49
CA PRO A 522 -8.52 -2.08 -3.43
C PRO A 522 -7.03 -1.93 -3.79
N GLY A 523 -6.54 -2.74 -4.73
CA GLY A 523 -5.14 -2.67 -5.11
C GLY A 523 -4.24 -3.39 -4.09
N PRO A 524 -2.97 -3.63 -4.44
CA PRO A 524 -2.05 -4.45 -3.64
C PRO A 524 -1.27 -3.71 -2.55
N GLY A 525 -1.28 -4.27 -1.35
CA GLY A 525 -0.56 -3.71 -0.23
C GLY A 525 -1.51 -3.54 0.94
N HIS A 526 -1.21 -2.60 1.81
CA HIS A 526 -2.11 -2.36 2.94
C HIS A 526 -2.55 -0.92 2.95
N GLY A 527 -3.53 -0.61 3.80
CA GLY A 527 -3.94 0.75 4.08
C GLY A 527 -3.55 1.12 5.49
N ILE A 528 -4.10 2.24 5.97
CA ILE A 528 -3.67 2.87 7.20
C ILE A 528 -4.83 3.46 7.97
N THR A 529 -4.61 3.73 9.25
CA THR A 529 -5.53 4.57 10.02
C THR A 529 -4.83 5.90 10.32
N LEU A 530 -5.55 7.01 10.16
CA LEU A 530 -4.96 8.34 10.34
C LEU A 530 -4.95 8.76 11.81
N THR A 531 -3.86 9.40 12.24
CA THR A 531 -3.68 9.80 13.64
C THR A 531 -3.08 11.19 13.75
N ARG A 532 -2.78 11.84 12.63
CA ARG A 532 -2.25 13.20 12.72
C ARG A 532 -3.10 14.22 11.96
N GLN A 533 -4.42 14.08 12.03
CA GLN A 533 -5.34 14.92 11.27
C GLN A 533 -5.91 16.14 12.01
N GLN A 534 -5.37 16.45 13.19
CA GLN A 534 -5.95 17.49 14.07
C GLN A 534 -6.11 18.83 13.34
N ASN A 535 -5.11 19.22 12.58
CA ASN A 535 -5.12 20.52 11.89
C ASN A 535 -5.44 20.40 10.41
N ILE A 536 -6.05 19.28 10.02
CA ILE A 536 -6.47 19.07 8.64
C ILE A 536 -7.97 19.28 8.50
N SER A 537 -8.36 20.41 7.94
CA SER A 537 -9.75 20.77 7.84
C SER A 537 -10.55 19.71 7.07
N GLY A 538 -11.70 19.33 7.61
CA GLY A 538 -12.58 18.40 6.93
C GLY A 538 -12.22 16.95 7.07
N SER A 539 -11.09 16.68 7.73
CA SER A 539 -10.63 15.32 7.96
C SER A 539 -10.71 14.99 9.45
N GLN A 540 -10.26 13.80 9.84
CA GLN A 540 -10.35 13.39 11.26
C GLN A 540 -9.42 12.25 11.60
N ASN A 541 -9.02 12.15 12.85
CA ASN A 541 -8.31 10.95 13.26
C ASN A 541 -9.26 9.76 13.29
N GLY A 542 -8.69 8.56 13.17
CA GLY A 542 -9.47 7.35 13.16
C GLY A 542 -9.94 6.91 11.78
N ARG A 543 -9.75 7.77 10.79
CA ARG A 543 -10.12 7.41 9.42
C ARG A 543 -9.38 6.16 8.94
N LEU A 544 -10.12 5.18 8.40
CA LEU A 544 -9.52 4.05 7.69
C LEU A 544 -9.41 4.45 6.24
N ILE A 545 -8.25 4.27 5.62
CA ILE A 545 -8.12 4.69 4.21
C ILE A 545 -7.14 3.83 3.42
N TYR A 546 -7.48 3.57 2.16
CA TYR A 546 -6.56 2.93 1.24
C TYR A 546 -6.74 3.50 -0.16
N PRO A 547 -5.69 3.44 -0.98
CA PRO A 547 -5.75 3.97 -2.34
C PRO A 547 -6.17 2.90 -3.34
N ALA A 548 -7.42 2.99 -3.82
CA ALA A 548 -7.99 1.95 -4.66
C ALA A 548 -7.85 2.32 -6.13
N ILE A 549 -8.11 1.33 -6.98
CA ILE A 549 -7.98 1.47 -8.42
C ILE A 549 -9.38 1.49 -8.98
N VAL A 550 -9.72 2.53 -9.71
CA VAL A 550 -11.01 2.58 -10.36
C VAL A 550 -10.85 2.62 -11.88
N LEU A 551 -11.63 1.81 -12.56
CA LEU A 551 -11.68 1.80 -14.01
C LEU A 551 -13.00 2.43 -14.40
N ASP A 552 -12.98 3.59 -15.05
CA ASP A 552 -14.26 4.20 -15.42
C ASP A 552 -14.87 3.39 -16.56
N ARG A 553 -14.12 3.22 -17.64
CA ARG A 553 -14.52 2.28 -18.66
C ARG A 553 -13.26 1.68 -19.31
N PHE A 554 -12.34 2.55 -19.73
CA PHE A 554 -11.11 2.13 -20.40
C PHE A 554 -9.85 2.60 -19.69
N PHE A 555 -9.97 3.56 -18.78
CA PHE A 555 -8.76 4.14 -18.18
C PHE A 555 -8.75 3.87 -16.68
N LEU A 556 -7.61 3.43 -16.18
CA LEU A 556 -7.40 3.24 -14.75
C LEU A 556 -6.95 4.52 -14.10
N ASN A 557 -7.37 4.69 -12.84
CA ASN A 557 -6.84 5.77 -12.03
C ASN A 557 -7.03 5.38 -10.56
N VAL A 558 -6.51 6.21 -9.67
CA VAL A 558 -6.51 5.92 -8.24
C VAL A 558 -7.40 6.92 -7.49
N MET A 559 -8.17 6.41 -6.52
CA MET A 559 -8.95 7.23 -5.58
C MET A 559 -8.88 6.63 -4.18
N SER A 560 -8.95 7.48 -3.16
CA SER A 560 -9.09 6.98 -1.79
C SER A 560 -10.42 6.28 -1.57
N ILE A 561 -10.39 5.18 -0.85
CA ILE A 561 -11.62 4.63 -0.30
C ILE A 561 -11.40 4.67 1.23
N TYR A 562 -12.35 5.23 1.95
CA TYR A 562 -12.14 5.52 3.36
C TYR A 562 -13.41 5.35 4.20
N SER A 563 -13.22 5.11 5.51
CA SER A 563 -14.36 5.12 6.44
C SER A 563 -14.07 5.96 7.66
N ASP A 564 -15.03 6.82 8.02
CA ASP A 564 -14.90 7.64 9.21
C ASP A 564 -15.75 7.10 10.37
N ASP A 565 -16.13 5.84 10.30
CA ASP A 565 -16.89 5.26 11.40
C ASP A 565 -16.47 3.81 11.70
N GLY A 566 -15.21 3.51 11.46
CA GLY A 566 -14.63 2.24 11.89
C GLY A 566 -14.86 1.11 10.90
N GLY A 567 -15.29 1.46 9.69
CA GLY A 567 -15.54 0.49 8.64
C GLY A 567 -17.00 0.12 8.41
N SER A 568 -17.93 0.72 9.15
CA SER A 568 -19.35 0.45 8.93
C SER A 568 -19.81 1.01 7.56
N ASN A 569 -19.39 2.23 7.27
CA ASN A 569 -19.75 2.89 6.02
C ASN A 569 -18.51 3.44 5.33
N TRP A 570 -18.46 3.28 4.01
CA TRP A 570 -17.29 3.64 3.25
C TRP A 570 -17.63 4.75 2.24
N GLN A 571 -16.67 5.63 1.97
CA GLN A 571 -16.84 6.74 1.07
C GLN A 571 -15.68 6.73 0.08
N THR A 572 -15.81 7.48 -1.02
CA THR A 572 -14.71 7.58 -2.00
C THR A 572 -14.27 9.02 -2.17
N GLY A 573 -12.99 9.21 -2.46
CA GLY A 573 -12.50 10.54 -2.81
C GLY A 573 -12.31 10.74 -4.32
N SER A 574 -11.60 11.79 -4.68
CA SER A 574 -11.41 12.13 -6.08
C SER A 574 -10.25 11.36 -6.70
N THR A 575 -10.27 11.18 -8.02
CA THR A 575 -9.15 10.50 -8.65
C THR A 575 -7.97 11.45 -8.79
N LEU A 576 -6.78 10.89 -8.93
CA LEU A 576 -5.56 11.67 -9.03
C LEU A 576 -5.61 12.58 -10.26
N PRO A 577 -5.11 13.81 -10.12
CA PRO A 577 -5.08 14.74 -11.26
C PRO A 577 -3.96 14.38 -12.23
N ILE A 578 -4.26 14.25 -13.51
CA ILE A 578 -3.23 13.85 -14.46
C ILE A 578 -3.42 14.64 -15.74
N PRO A 579 -2.32 14.88 -16.48
CA PRO A 579 -2.39 15.61 -17.76
C PRO A 579 -3.07 14.80 -18.86
N PHE A 580 -3.56 15.48 -19.90
CA PHE A 580 -4.05 14.76 -21.08
C PHE A 580 -3.76 15.52 -22.35
N ARG A 581 -3.82 14.80 -23.46
CA ARG A 581 -3.62 15.39 -24.78
C ARG A 581 -4.26 14.49 -25.81
N TRP A 582 -5.00 15.10 -26.73
CA TRP A 582 -5.61 14.36 -27.81
C TRP A 582 -4.61 14.27 -28.97
N LYS A 583 -3.95 13.12 -29.12
CA LYS A 583 -2.96 12.92 -30.18
C LYS A 583 -3.61 12.80 -31.54
N SER A 584 -4.86 12.36 -31.56
CA SER A 584 -5.65 12.38 -32.79
C SER A 584 -7.09 12.33 -32.35
N SER A 585 -7.99 12.33 -33.32
CA SER A 585 -9.40 12.32 -32.96
C SER A 585 -9.69 11.06 -32.19
N SER A 586 -10.35 11.25 -31.07
CA SER A 586 -10.71 10.17 -30.16
C SER A 586 -9.54 9.28 -29.69
N ILE A 587 -8.29 9.75 -29.79
CA ILE A 587 -7.17 9.01 -29.18
C ILE A 587 -6.43 9.85 -28.10
N LEU A 588 -6.66 9.47 -26.85
CA LEU A 588 -6.21 10.21 -25.67
C LEU A 588 -4.83 9.78 -25.18
N GLU A 589 -3.88 10.72 -25.13
CA GLU A 589 -2.59 10.48 -24.46
C GLU A 589 -2.69 10.92 -23.01
N THR A 590 -2.56 10.00 -22.04
CA THR A 590 -2.70 10.39 -20.64
C THR A 590 -1.96 9.38 -19.75
N LEU A 591 -2.14 9.49 -18.44
CA LEU A 591 -1.49 8.55 -17.52
C LEU A 591 -2.52 7.60 -16.97
N GLU A 592 -2.07 6.45 -16.47
CA GLU A 592 -2.98 5.54 -15.77
C GLU A 592 -2.37 5.01 -14.48
N PRO A 593 -2.51 5.78 -13.39
CA PRO A 593 -2.04 5.36 -12.07
C PRO A 593 -2.87 4.18 -11.62
N SER A 594 -2.24 3.18 -11.02
CA SER A 594 -2.92 1.94 -10.71
C SER A 594 -2.56 1.48 -9.31
N GLU A 595 -1.48 0.70 -9.20
CA GLU A 595 -1.17 0.11 -7.90
C GLU A 595 -0.47 1.11 -7.01
N ALA A 596 -1.08 1.43 -5.86
CA ALA A 596 -0.60 2.56 -5.10
C ALA A 596 -0.58 2.27 -3.61
N ASP A 597 0.19 3.08 -2.89
CA ASP A 597 0.38 2.90 -1.45
C ASP A 597 0.54 4.28 -0.85
N MET A 598 -0.04 4.51 0.32
CA MET A 598 0.04 5.83 0.90
C MET A 598 0.52 5.78 2.35
N VAL A 599 1.08 6.90 2.81
CA VAL A 599 1.54 7.01 4.19
C VAL A 599 1.16 8.41 4.69
N GLU A 600 0.81 8.49 5.97
CA GLU A 600 0.53 9.78 6.58
C GLU A 600 1.82 10.42 7.07
N LEU A 601 2.08 11.65 6.60
CA LEU A 601 3.28 12.37 7.00
C LEU A 601 3.09 12.97 8.42
N GLN A 602 4.17 13.52 8.99
CA GLN A 602 4.11 14.11 10.34
C GLN A 602 3.05 15.22 10.46
N ASN A 603 2.84 16.01 9.41
CA ASN A 603 1.89 17.12 9.47
C ASN A 603 0.45 16.77 9.06
N GLY A 604 0.17 15.49 8.87
CA GLY A 604 -1.17 15.09 8.44
C GLY A 604 -1.36 15.01 6.92
N ASP A 605 -0.41 15.56 6.15
CA ASP A 605 -0.48 15.39 4.71
C ASP A 605 -0.31 13.91 4.41
N LEU A 606 -0.95 13.46 3.35
CA LEU A 606 -0.78 12.07 2.91
C LEU A 606 0.13 12.02 1.71
N LEU A 607 1.11 11.13 1.75
CA LEU A 607 1.98 10.89 0.61
C LEU A 607 1.60 9.58 -0.06
N LEU A 608 1.34 9.66 -1.36
CA LEU A 608 0.93 8.48 -2.11
C LEU A 608 1.94 8.24 -3.22
N THR A 609 2.31 6.98 -3.42
CA THR A 609 3.21 6.57 -4.49
C THR A 609 2.47 5.56 -5.36
N ALA A 610 2.44 5.81 -6.68
CA ALA A 610 1.63 5.00 -7.58
C ALA A 610 2.43 4.47 -8.74
N ARG A 611 2.18 3.22 -9.07
CA ARG A 611 2.64 2.62 -10.29
C ARG A 611 1.90 3.32 -11.44
N LEU A 612 2.62 3.68 -12.49
CA LEU A 612 1.99 4.28 -13.70
C LEU A 612 2.01 3.28 -14.83
N ASP A 613 0.84 2.81 -15.24
CA ASP A 613 0.82 1.77 -16.28
C ASP A 613 0.56 2.30 -17.69
N PHE A 614 0.95 1.46 -18.65
CA PHE A 614 0.93 1.77 -20.08
C PHE A 614 1.67 3.07 -20.32
N ASN A 615 1.12 3.93 -21.16
CA ASN A 615 1.84 5.15 -21.52
C ASN A 615 2.29 5.98 -20.32
N GLN A 616 3.57 6.39 -20.32
CA GLN A 616 4.15 7.21 -19.25
C GLN A 616 4.43 8.63 -19.68
N ILE A 617 4.17 8.95 -20.95
CA ILE A 617 4.63 10.21 -21.54
C ILE A 617 3.45 11.06 -22.02
N VAL A 618 3.33 12.28 -21.52
CA VAL A 618 2.24 13.17 -21.95
C VAL A 618 2.80 14.53 -22.35
N ASN A 619 2.48 14.94 -23.58
CA ASN A 619 3.08 16.11 -24.23
C ASN A 619 4.60 16.19 -24.06
N GLY A 620 5.27 15.09 -24.36
CA GLY A 620 6.71 15.06 -24.32
C GLY A 620 7.30 15.01 -22.92
N VAL A 621 6.44 14.95 -21.90
CA VAL A 621 6.90 14.89 -20.51
C VAL A 621 6.86 13.45 -20.01
N ASN A 622 8.03 12.91 -19.60
CA ASN A 622 8.09 11.52 -19.15
C ASN A 622 7.90 11.42 -17.63
N TYR A 623 6.81 10.79 -17.21
CA TYR A 623 6.50 10.72 -15.78
C TYR A 623 7.07 9.47 -15.09
N SER A 624 7.75 8.62 -15.87
CA SER A 624 8.48 7.45 -15.32
C SER A 624 7.47 6.33 -14.94
N PRO A 625 7.98 5.20 -14.41
CA PRO A 625 7.03 4.14 -14.04
C PRO A 625 6.36 4.35 -12.69
N ARG A 626 6.74 5.42 -12.00
CA ARG A 626 6.19 5.65 -10.67
C ARG A 626 6.05 7.16 -10.42
N GLN A 627 4.99 7.58 -9.73
CA GLN A 627 4.78 9.00 -9.51
C GLN A 627 4.22 9.21 -8.10
N GLN A 628 4.75 10.19 -7.39
CA GLN A 628 4.20 10.54 -6.08
C GLN A 628 3.16 11.67 -6.14
N PHE A 629 2.20 11.60 -5.20
CA PHE A 629 1.09 12.56 -5.08
C PHE A 629 0.94 12.93 -3.60
N LEU A 630 0.40 14.13 -3.35
CA LEU A 630 0.18 14.64 -2.00
C LEU A 630 -1.27 15.08 -1.76
N SER A 631 -1.83 14.68 -0.62
CA SER A 631 -3.16 15.15 -0.21
C SER A 631 -3.04 16.00 1.04
N LYS A 632 -3.69 17.15 1.02
CA LYS A 632 -3.68 18.04 2.17
C LYS A 632 -5.05 18.10 2.86
N ASP A 633 -5.95 17.22 2.47
CA ASP A 633 -7.31 17.27 3.01
C ASP A 633 -7.78 15.91 3.50
N GLY A 634 -6.85 15.07 3.93
CA GLY A 634 -7.22 13.79 4.49
C GLY A 634 -7.48 12.71 3.45
N GLY A 635 -7.03 12.95 2.22
CA GLY A 635 -7.15 11.94 1.20
C GLY A 635 -8.28 12.15 0.20
N ILE A 636 -9.03 13.24 0.34
CA ILE A 636 -10.10 13.51 -0.63
C ILE A 636 -9.54 13.83 -2.00
N THR A 637 -8.66 14.82 -2.05
CA THR A 637 -8.05 15.20 -3.31
C THR A 637 -6.52 15.16 -3.20
N TRP A 638 -5.89 15.16 -4.37
CA TRP A 638 -4.47 14.91 -4.50
C TRP A 638 -3.83 15.90 -5.46
N SER A 639 -2.52 16.03 -5.36
CA SER A 639 -1.78 16.92 -6.23
C SER A 639 -0.54 16.17 -6.74
N LEU A 640 -0.27 16.29 -8.04
CA LEU A 640 0.92 15.63 -8.59
C LEU A 640 2.19 16.37 -8.14
N LEU A 641 3.09 15.65 -7.45
CA LEU A 641 4.33 16.27 -6.99
C LEU A 641 5.33 16.36 -8.13
N GLU A 642 5.54 17.58 -8.64
CA GLU A 642 6.41 17.75 -9.80
C GLU A 642 7.81 17.24 -9.49
N ALA A 643 8.36 16.48 -10.43
CA ALA A 643 9.72 15.93 -10.32
C ALA A 643 9.88 14.98 -9.14
N ASN A 644 8.78 14.50 -8.57
CA ASN A 644 8.84 13.51 -7.50
C ASN A 644 8.25 12.20 -8.02
N ASN A 645 9.08 11.45 -8.74
CA ASN A 645 8.64 10.24 -9.43
C ASN A 645 9.67 9.13 -9.16
N ALA A 646 9.86 8.21 -10.09
CA ALA A 646 10.86 7.16 -9.91
C ALA A 646 12.26 7.74 -9.68
N ASN A 647 12.48 8.95 -10.19
CA ASN A 647 13.79 9.59 -10.07
C ASN A 647 14.32 9.76 -8.64
N VAL A 648 13.44 9.83 -7.65
CA VAL A 648 13.87 10.12 -6.29
C VAL A 648 14.37 8.86 -5.56
N PHE A 649 14.06 7.70 -6.13
CA PHE A 649 14.54 6.42 -5.63
C PHE A 649 15.74 5.98 -6.46
N SER A 650 16.95 6.33 -5.99
CA SER A 650 18.14 6.03 -6.76
C SER A 650 18.26 4.52 -6.96
N ASN A 651 18.59 4.13 -8.20
CA ASN A 651 18.77 2.72 -8.57
C ASN A 651 17.52 1.86 -8.45
N ILE A 652 16.36 2.49 -8.46
CA ILE A 652 15.12 1.72 -8.49
C ILE A 652 15.01 1.03 -9.86
N SER A 653 14.31 -0.10 -9.93
CA SER A 653 14.08 -0.76 -11.20
CA SER A 653 14.12 -0.75 -11.21
C SER A 653 13.32 0.15 -12.17
N THR A 654 13.50 -0.06 -13.46
CA THR A 654 12.79 0.77 -14.43
C THR A 654 11.52 0.11 -14.98
N GLY A 655 11.26 -1.14 -14.60
CA GLY A 655 10.02 -1.78 -15.00
C GLY A 655 8.90 -1.44 -14.03
N THR A 656 7.66 -1.51 -14.53
CA THR A 656 6.50 -1.26 -13.67
C THR A 656 6.24 -2.44 -12.71
N VAL A 657 5.98 -2.10 -11.46
CA VAL A 657 5.79 -3.12 -10.45
C VAL A 657 5.16 -2.47 -9.24
N ASP A 658 4.42 -3.24 -8.44
CA ASP A 658 3.94 -2.74 -7.15
C ASP A 658 5.08 -2.48 -6.18
N ALA A 659 4.91 -1.43 -5.38
CA ALA A 659 5.87 -1.08 -4.34
C ALA A 659 5.18 -1.09 -2.96
N SER A 660 5.91 -0.73 -1.91
CA SER A 660 5.32 -0.56 -0.59
C SER A 660 5.92 0.66 0.06
N ILE A 661 5.13 1.31 0.92
CA ILE A 661 5.62 2.45 1.69
C ILE A 661 5.00 2.41 3.10
N THR A 662 5.78 2.78 4.13
CA THR A 662 5.21 2.80 5.49
C THR A 662 6.01 3.72 6.39
N ARG A 663 5.40 4.12 7.49
CA ARG A 663 6.08 4.92 8.50
C ARG A 663 6.77 4.01 9.51
N PHE A 664 7.95 4.41 9.95
CA PHE A 664 8.66 3.69 11.00
C PHE A 664 8.88 4.65 12.17
N GLU A 665 8.45 4.25 13.36
CA GLU A 665 8.64 5.08 14.56
C GLU A 665 9.63 4.43 15.52
N GLN A 666 10.67 5.17 15.93
CA GLN A 666 11.62 4.62 16.90
C GLN A 666 11.14 4.85 18.33
N SER A 667 11.78 4.17 19.27
CA SER A 667 11.36 4.22 20.65
C SER A 667 11.44 5.64 21.22
N ASP A 668 12.36 6.44 20.68
CA ASP A 668 12.55 7.79 21.18
C ASP A 668 11.57 8.76 20.53
N GLY A 669 10.68 8.24 19.69
CA GLY A 669 9.64 9.04 19.08
C GLY A 669 10.00 9.58 17.71
N SER A 670 11.27 9.47 17.33
CA SER A 670 11.71 9.90 16.00
C SER A 670 11.02 9.01 14.96
N HIS A 671 10.92 9.49 13.73
CA HIS A 671 10.23 8.73 12.70
C HIS A 671 10.87 8.92 11.33
N PHE A 672 10.62 7.98 10.45
CA PHE A 672 10.99 8.12 9.04
C PHE A 672 10.17 7.17 8.18
N LEU A 673 10.34 7.26 6.86
CA LEU A 673 9.57 6.47 5.92
C LEU A 673 10.43 5.36 5.31
N LEU A 674 9.82 4.20 5.08
CA LEU A 674 10.47 3.08 4.42
C LEU A 674 9.75 2.77 3.12
N PHE A 675 10.50 2.37 2.09
CA PHE A 675 9.95 2.08 0.77
C PHE A 675 10.68 0.84 0.19
N THR A 676 9.93 -0.13 -0.33
CA THR A 676 10.54 -1.31 -0.95
C THR A 676 10.07 -1.46 -2.40
N ASN A 677 10.97 -1.97 -3.24
CA ASN A 677 10.76 -2.13 -4.67
C ASN A 677 12.00 -2.87 -5.18
N PRO A 678 11.87 -3.70 -6.22
CA PRO A 678 13.12 -4.19 -6.84
C PRO A 678 14.07 -3.09 -7.38
N GLN A 679 15.35 -3.43 -7.44
CA GLN A 679 16.37 -2.57 -8.03
C GLN A 679 16.56 -2.90 -9.51
N GLY A 680 16.22 -4.14 -9.88
CA GLY A 680 16.72 -4.73 -11.11
C GLY A 680 18.12 -5.28 -10.90
N ASN A 681 18.55 -6.19 -11.76
CA ASN A 681 19.93 -6.64 -11.77
C ASN A 681 20.51 -6.49 -13.18
N PRO A 682 21.49 -5.59 -13.36
CA PRO A 682 22.07 -4.65 -12.38
C PRO A 682 21.08 -3.61 -11.82
N ALA A 683 21.47 -2.94 -10.76
CA ALA A 683 20.58 -1.98 -10.12
C ALA A 683 20.22 -0.88 -11.13
N GLY A 684 18.97 -0.42 -11.09
CA GLY A 684 18.54 0.62 -12.01
C GLY A 684 18.24 0.13 -13.42
N THR A 685 17.95 -1.16 -13.55
CA THR A 685 17.53 -1.72 -14.84
C THR A 685 16.15 -2.33 -14.70
N ASN A 686 15.69 -3.04 -15.74
CA ASN A 686 14.27 -3.39 -15.82
C ASN A 686 13.70 -4.42 -14.83
N GLY A 687 14.49 -5.44 -14.52
CA GLY A 687 13.92 -6.67 -13.98
C GLY A 687 13.33 -6.66 -12.58
N ARG A 688 12.48 -7.65 -12.30
CA ARG A 688 11.96 -7.81 -10.96
C ARG A 688 12.96 -8.68 -10.16
N GLN A 689 14.08 -8.05 -9.79
CA GLN A 689 15.19 -8.68 -9.10
C GLN A 689 15.69 -7.76 -8.00
N ASN A 690 16.26 -8.35 -6.95
CA ASN A 690 17.03 -7.59 -5.97
C ASN A 690 16.22 -6.47 -5.27
N LEU A 691 15.26 -6.89 -4.47
CA LEU A 691 14.51 -5.95 -3.63
C LEU A 691 15.43 -4.97 -2.88
N GLY A 692 15.10 -3.69 -3.00
CA GLY A 692 15.83 -2.65 -2.31
C GLY A 692 14.98 -2.03 -1.21
N LEU A 693 15.65 -1.38 -0.26
CA LEU A 693 14.99 -0.64 0.81
C LEU A 693 15.45 0.83 0.80
N TRP A 694 14.53 1.77 0.68
CA TRP A 694 14.87 3.20 0.70
C TRP A 694 14.28 3.84 1.95
N PHE A 695 14.94 4.90 2.44
CA PHE A 695 14.58 5.64 3.64
C PHE A 695 14.32 7.09 3.30
N SER A 696 13.27 7.69 3.88
CA SER A 696 13.15 9.14 3.80
C SER A 696 13.07 9.76 5.19
N PHE A 697 14.03 10.63 5.48
CA PHE A 697 14.11 11.32 6.77
C PHE A 697 13.56 12.74 6.66
N ASP A 698 12.92 13.05 5.55
CA ASP A 698 12.47 14.42 5.34
C ASP A 698 11.07 14.50 4.75
N GLU A 699 10.21 13.58 5.18
CA GLU A 699 8.80 13.60 4.79
C GLU A 699 8.60 13.38 3.29
N GLY A 700 9.47 12.58 2.68
CA GLY A 700 9.22 12.18 1.30
C GLY A 700 9.76 13.14 0.27
N VAL A 701 10.58 14.10 0.67
CA VAL A 701 11.23 15.00 -0.29
C VAL A 701 12.43 14.32 -0.97
N THR A 702 13.30 13.69 -0.19
CA THR A 702 14.39 12.89 -0.73
C THR A 702 14.39 11.50 -0.11
N TRP A 703 15.07 10.57 -0.78
CA TRP A 703 15.19 9.20 -0.31
C TRP A 703 16.64 8.78 -0.30
N LYS A 704 17.05 8.09 0.77
CA LYS A 704 18.39 7.55 0.90
C LYS A 704 18.34 6.07 0.61
N GLY A 705 19.44 5.50 0.10
CA GLY A 705 19.46 4.10 -0.26
C GLY A 705 19.66 3.90 -1.75
N PRO A 706 19.38 2.69 -2.25
CA PRO A 706 18.76 1.60 -1.50
C PRO A 706 19.76 0.71 -0.76
N ILE A 707 19.26 0.06 0.28
CA ILE A 707 19.96 -1.07 0.85
C ILE A 707 19.38 -2.33 0.25
N GLN A 708 20.23 -3.15 -0.34
CA GLN A 708 19.73 -4.33 -1.02
C GLN A 708 19.32 -5.37 0.01
N LEU A 709 18.09 -5.86 -0.10
CA LEU A 709 17.55 -6.80 0.88
C LEU A 709 17.59 -8.25 0.38
N VAL A 710 17.58 -8.42 -0.94
CA VAL A 710 17.40 -9.73 -1.55
C VAL A 710 18.36 -9.88 -2.72
N ASN A 711 19.01 -11.04 -2.82
CA ASN A 711 19.79 -11.37 -4.01
C ASN A 711 19.07 -12.43 -4.81
N GLY A 712 18.33 -12.00 -5.83
CA GLY A 712 17.58 -12.91 -6.67
C GLY A 712 16.23 -12.27 -7.06
N ALA A 713 15.27 -13.10 -7.45
CA ALA A 713 13.96 -12.63 -7.89
C ALA A 713 13.31 -11.77 -6.81
N SER A 714 12.71 -10.64 -7.19
CA SER A 714 11.95 -9.80 -6.26
C SER A 714 10.94 -8.99 -7.06
N ALA A 715 9.67 -9.25 -6.81
CA ALA A 715 8.58 -8.60 -7.52
C ALA A 715 7.75 -7.80 -6.52
N TYR A 716 6.51 -8.17 -6.31
CA TYR A 716 5.66 -7.40 -5.36
C TYR A 716 6.17 -7.56 -3.94
N SER A 717 6.00 -6.54 -3.13
CA SER A 717 6.43 -6.58 -1.75
C SER A 717 5.53 -5.71 -0.89
N ASP A 718 5.57 -5.95 0.41
CA ASP A 718 4.89 -5.10 1.37
C ASP A 718 5.70 -5.07 2.64
N ILE A 719 5.81 -3.89 3.23
CA ILE A 719 6.64 -3.70 4.43
C ILE A 719 5.79 -3.05 5.53
N TYR A 720 5.97 -3.50 6.77
CA TYR A 720 5.19 -2.97 7.90
C TYR A 720 6.03 -2.97 9.17
N GLN A 721 5.88 -1.98 10.05
CA GLN A 721 6.70 -1.98 11.27
C GLN A 721 6.27 -3.14 12.17
N LEU A 722 7.27 -3.87 12.67
CA LEU A 722 7.06 -5.06 13.46
C LEU A 722 7.17 -4.75 14.95
N ASP A 723 8.19 -3.97 15.30
CA ASP A 723 8.39 -3.48 16.66
C ASP A 723 9.30 -2.26 16.61
N SER A 724 9.72 -1.77 17.78
CA SER A 724 10.55 -0.57 17.89
C SER A 724 11.84 -0.63 17.05
N GLU A 725 12.31 -1.84 16.72
CA GLU A 725 13.59 -1.92 16.02
C GLU A 725 13.52 -2.65 14.68
N ASN A 726 12.39 -3.30 14.40
CA ASN A 726 12.31 -4.13 13.19
C ASN A 726 11.08 -3.87 12.31
N ALA A 727 11.26 -4.07 11.00
CA ALA A 727 10.15 -4.02 10.05
C ALA A 727 10.04 -5.40 9.44
N ILE A 728 8.82 -5.83 9.12
CA ILE A 728 8.67 -7.11 8.44
C ILE A 728 8.30 -6.85 6.96
N VAL A 729 8.85 -7.68 6.08
CA VAL A 729 8.68 -7.54 4.65
C VAL A 729 8.13 -8.86 4.15
N ILE A 730 7.11 -8.79 3.33
CA ILE A 730 6.69 -9.97 2.59
C ILE A 730 7.02 -9.70 1.11
N VAL A 731 7.63 -10.67 0.43
CA VAL A 731 8.08 -10.39 -0.94
C VAL A 731 7.98 -11.60 -1.85
N GLU A 732 7.42 -11.37 -3.04
CA GLU A 732 7.43 -12.39 -4.09
C GLU A 732 8.84 -12.63 -4.65
N THR A 733 9.23 -13.89 -4.74
CA THR A 733 10.57 -14.20 -5.19
C THR A 733 10.55 -15.28 -6.26
N ASP A 734 11.32 -16.35 -6.08
CA ASP A 734 11.42 -17.37 -7.13
C ASP A 734 10.07 -18.04 -7.33
N ASN A 735 9.65 -18.13 -8.61
CA ASN A 735 8.36 -18.65 -8.99
C ASN A 735 7.22 -17.93 -8.26
N SER A 736 7.45 -16.65 -7.93
CA SER A 736 6.52 -15.82 -7.16
C SER A 736 6.34 -16.28 -5.71
N ASN A 737 7.13 -17.25 -5.25
CA ASN A 737 7.09 -17.65 -3.83
C ASN A 737 7.25 -16.47 -2.89
N MET A 738 6.28 -16.29 -1.99
CA MET A 738 6.31 -15.16 -1.09
C MET A 738 7.07 -15.52 0.19
N ARG A 739 8.03 -14.68 0.54
CA ARG A 739 8.95 -14.95 1.63
C ARG A 739 8.93 -13.81 2.64
N ILE A 740 9.35 -14.14 3.86
CA ILE A 740 9.35 -13.21 4.97
C ILE A 740 10.76 -12.77 5.32
N LEU A 741 10.97 -11.46 5.33
CA LEU A 741 12.19 -10.87 5.84
C LEU A 741 11.84 -10.14 7.13
N ARG A 742 12.68 -10.29 8.16
CA ARG A 742 12.51 -9.53 9.40
C ARG A 742 13.75 -8.66 9.59
N MET A 743 13.62 -7.37 9.28
CA MET A 743 14.78 -6.52 9.07
C MET A 743 15.05 -5.59 10.25
N PRO A 744 16.30 -5.61 10.79
CA PRO A 744 16.64 -4.72 11.89
C PRO A 744 16.88 -3.29 11.38
N ILE A 745 15.78 -2.56 11.27
CA ILE A 745 15.80 -1.22 10.69
C ILE A 745 16.70 -0.25 11.45
N THR A 746 16.63 -0.27 12.77
CA THR A 746 17.42 0.66 13.57
C THR A 746 18.92 0.35 13.44
N LEU A 747 19.26 -0.89 13.12
CA LEU A 747 20.65 -1.23 12.83
C LEU A 747 21.02 -0.76 11.43
N LEU A 748 20.25 -1.18 10.44
CA LEU A 748 20.57 -0.94 9.04
C LEU A 748 20.63 0.52 8.66
N LYS A 749 19.87 1.36 9.37
CA LYS A 749 19.82 2.78 8.99
C LYS A 749 21.20 3.42 9.20
N GLN A 750 22.00 2.79 10.06
CA GLN A 750 23.33 3.29 10.36
C GLN A 750 24.31 3.06 9.20
N LYS A 751 23.98 2.16 8.28
CA LYS A 751 24.80 2.00 7.08
C LYS A 751 24.72 3.20 6.14
N LEU A 752 23.69 4.03 6.27
CA LEU A 752 23.47 5.09 5.28
C LEU A 752 24.48 6.22 5.39
#